data_7VID
#
_entry.id   7VID
#
_cell.length_a   142.620
_cell.length_b   90.180
_cell.length_c   61.220
_cell.angle_alpha   90.000
_cell.angle_beta   90.000
_cell.angle_gamma   90.000
#
_symmetry.space_group_name_H-M   'P 21 21 2'
#
loop_
_entity.id
_entity.type
_entity.pdbx_description
1 polymer 'Leucine dehydrogenase'
2 non-polymer GLYCEROL
3 water water
#
_entity_poly.entity_id   1
_entity_poly.type   'polypeptide(L)'
_entity_poly.pdbx_seq_one_letter_code
;MFDMMDAARLEGLHLAQDPATGLKAIIAIHSTRLGPALGGCRYLPYPNDEAAIGDAIRLAQGMSYKAALAGLEQGGGKAV
IIRPPHLDNRGALFEAFGRFIESLGGRYITAVDSGTSSADMDCIAQQTRHVTSTTQAGDPSPHTALGVFAGIRASAQARL
GSDDLEGLRVAVQGLGHVGYALAEQLAAVGAELLVCDLDPGRVQLAVEQLGAHPLAPEALLSTPCDILAPCGLGGVLTSQ
SVSQLRCAAVAGAANNQLERPEVADELEARGILYAPDYVINSGGLIYVALKHRGADPHSITAHLARIPARLTEIYAHAQA
DHQSPARIADRLAERILYGPQHHHHHH
;
_entity_poly.pdbx_strand_id   A,B
#
loop_
_chem_comp.id
_chem_comp.type
_chem_comp.name
_chem_comp.formula
GOL non-polymer GLYCEROL 'C3 H8 O3'
#
# COMPACT_ATOMS: atom_id res chain seq x y z
N MET A 1 1.99 9.00 -6.93
CA MET A 1 2.11 9.35 -5.52
C MET A 1 3.55 9.31 -5.08
N PHE A 2 4.42 8.88 -5.97
CA PHE A 2 5.82 8.78 -5.59
C PHE A 2 6.43 10.14 -5.36
N ASP A 3 5.98 11.15 -6.11
CA ASP A 3 6.47 12.50 -5.88
C ASP A 3 6.13 12.96 -4.46
N MET A 4 4.89 12.76 -4.04
CA MET A 4 4.52 13.08 -2.66
C MET A 4 5.40 12.32 -1.68
N MET A 5 5.56 11.01 -1.88
CA MET A 5 6.40 10.25 -0.97
C MET A 5 7.81 10.80 -0.95
N ASP A 6 8.35 11.10 -2.13
CA ASP A 6 9.75 11.48 -2.18
C ASP A 6 9.97 12.82 -1.50
N ALA A 7 9.02 13.75 -1.65
CA ALA A 7 9.17 15.06 -1.02
C ALA A 7 9.15 14.95 0.50
N ALA A 8 8.43 13.97 1.04
CA ALA A 8 8.41 13.79 2.47
C ALA A 8 9.46 12.81 2.94
N ARG A 9 10.17 12.17 2.01
CA ARG A 9 11.09 11.08 2.29
C ARG A 9 10.37 9.98 3.06
N LEU A 10 9.22 9.59 2.53
CA LEU A 10 8.38 8.61 3.17
C LEU A 10 8.76 7.23 2.65
N GLU A 11 8.95 6.28 3.57
CA GLU A 11 9.39 4.94 3.19
C GLU A 11 8.32 4.19 2.40
N GLY A 12 7.12 4.08 2.95
CA GLY A 12 6.08 3.24 2.36
C GLY A 12 4.68 3.79 2.52
N LEU A 13 3.85 3.51 1.52
CA LEU A 13 2.47 3.96 1.46
C LEU A 13 1.56 2.76 1.16
N HIS A 14 0.47 2.66 1.91
CA HIS A 14 -0.45 1.53 1.83
C HIS A 14 -1.88 2.05 1.81
N LEU A 15 -2.65 1.58 0.83
CA LEU A 15 -4.03 1.99 0.63
C LEU A 15 -4.86 0.74 0.65
N ALA A 16 -5.96 0.78 1.40
CA ALA A 16 -6.91 -0.32 1.44
C ALA A 16 -8.30 0.25 1.22
N GLN A 17 -9.10 -0.48 0.46
CA GLN A 17 -10.43 -0.05 0.07
C GLN A 17 -11.31 -1.28 0.13
N ASP A 18 -12.49 -1.15 0.74
CA ASP A 18 -13.33 -2.30 1.02
C ASP A 18 -14.81 -1.92 0.97
N PRO A 19 -15.55 -2.30 -0.07
CA PRO A 19 -16.90 -1.75 -0.25
C PRO A 19 -17.96 -2.45 0.59
N ALA A 20 -17.67 -3.63 1.13
CA ALA A 20 -18.58 -4.24 2.08
C ALA A 20 -18.82 -3.32 3.27
N THR A 21 -17.75 -2.73 3.79
CA THR A 21 -17.82 -1.84 4.93
C THR A 21 -17.70 -0.37 4.57
N GLY A 22 -17.38 -0.04 3.32
CA GLY A 22 -17.15 1.35 2.96
C GLY A 22 -15.79 1.89 3.35
N LEU A 23 -14.90 1.05 3.87
CA LEU A 23 -13.59 1.50 4.32
C LEU A 23 -12.77 2.02 3.14
N LYS A 24 -12.20 3.22 3.30
CA LYS A 24 -11.20 3.74 2.38
C LYS A 24 -10.08 4.25 3.27
N ALA A 25 -9.00 3.49 3.39
CA ALA A 25 -7.98 3.78 4.38
C ALA A 25 -6.62 4.01 3.73
N ILE A 26 -5.86 4.90 4.36
CA ILE A 26 -4.48 5.16 3.99
C ILE A 26 -3.64 4.98 5.24
N ILE A 27 -2.59 4.17 5.14
CA ILE A 27 -1.58 4.11 6.18
C ILE A 27 -0.27 4.55 5.56
N ALA A 28 0.33 5.58 6.12
CA ALA A 28 1.60 6.11 5.66
C ALA A 28 2.65 5.77 6.68
N ILE A 29 3.74 5.19 6.23
CA ILE A 29 4.84 4.82 7.10
C ILE A 29 6.02 5.68 6.71
N HIS A 30 6.32 6.71 7.49
CA HIS A 30 7.41 7.59 7.11
C HIS A 30 8.76 6.96 7.40
N SER A 31 9.01 6.57 8.65
CA SER A 31 10.29 5.99 9.02
C SER A 31 10.06 4.77 9.88
N THR A 32 10.95 3.79 9.75
CA THR A 32 11.00 2.75 10.76
C THR A 32 12.43 2.49 11.20
N ARG A 33 13.33 3.43 10.95
CA ARG A 33 14.71 3.28 11.41
C ARG A 33 14.76 3.00 12.91
N LEU A 34 14.05 3.79 13.69
CA LEU A 34 14.13 3.66 15.14
C LEU A 34 13.23 2.57 15.68
N GLY A 35 12.21 2.19 14.94
CA GLY A 35 11.33 1.13 15.37
C GLY A 35 10.11 1.04 14.49
N PRO A 36 9.16 0.19 14.86
CA PRO A 36 7.84 0.25 14.23
C PRO A 36 7.27 1.66 14.27
N ALA A 37 6.46 1.97 13.27
CA ALA A 37 5.90 3.30 13.14
C ALA A 37 4.60 3.37 13.93
N LEU A 38 4.52 4.34 14.84
CA LEU A 38 3.31 4.58 15.60
C LEU A 38 2.76 5.95 15.24
N GLY A 39 1.44 6.03 15.11
CA GLY A 39 0.79 7.26 14.78
C GLY A 39 -0.71 7.08 14.78
N GLY A 40 -1.43 8.15 15.03
CA GLY A 40 -2.86 8.03 15.20
C GLY A 40 -3.58 7.88 13.89
N CYS A 41 -4.86 7.59 14.01
CA CYS A 41 -5.72 7.36 12.85
C CYS A 41 -6.81 8.43 12.82
N ARG A 42 -6.96 9.07 11.67
CA ARG A 42 -7.94 10.10 11.48
C ARG A 42 -9.10 9.57 10.66
N TYR A 43 -10.31 9.91 11.08
CA TYR A 43 -11.52 9.54 10.39
C TYR A 43 -12.24 10.86 10.12
N LEU A 44 -12.15 11.34 8.89
CA LEU A 44 -12.54 12.71 8.58
C LEU A 44 -13.07 12.77 7.17
N PRO A 45 -13.97 13.69 6.86
CA PRO A 45 -14.31 13.97 5.47
C PRO A 45 -13.12 14.62 4.76
N TYR A 46 -13.06 14.44 3.45
CA TYR A 46 -11.96 15.03 2.70
C TYR A 46 -12.47 15.49 1.34
N PRO A 47 -12.01 16.64 0.87
CA PRO A 47 -12.34 17.05 -0.49
C PRO A 47 -11.97 16.02 -1.55
N ASN A 48 -10.87 15.31 -1.42
CA ASN A 48 -10.53 14.28 -2.40
C ASN A 48 -9.44 13.37 -1.85
N ASP A 49 -9.16 12.29 -2.61
CA ASP A 49 -8.18 11.29 -2.20
C ASP A 49 -6.83 11.94 -1.99
N GLU A 50 -6.37 12.69 -2.98
CA GLU A 50 -5.02 13.21 -2.93
C GLU A 50 -4.83 14.13 -1.74
N ALA A 51 -5.91 14.76 -1.25
CA ALA A 51 -5.82 15.54 -0.02
C ALA A 51 -5.69 14.64 1.19
N ALA A 52 -6.46 13.56 1.22
CA ALA A 52 -6.33 12.59 2.31
C ALA A 52 -4.96 11.93 2.32
N ILE A 53 -4.51 11.45 1.15
CA ILE A 53 -3.17 10.87 1.04
C ILE A 53 -2.13 11.89 1.45
N GLY A 54 -2.22 13.09 0.88
CA GLY A 54 -1.26 14.14 1.24
C GLY A 54 -1.23 14.41 2.74
N ASP A 55 -2.39 14.38 3.39
CA ASP A 55 -2.46 14.63 4.83
C ASP A 55 -1.82 13.51 5.63
N ALA A 56 -2.07 12.25 5.23
CA ALA A 56 -1.44 11.14 5.95
C ALA A 56 0.07 11.22 5.83
N ILE A 57 0.57 11.55 4.64
CA ILE A 57 2.01 11.56 4.40
C ILE A 57 2.70 12.61 5.25
N ARG A 58 2.16 13.84 5.25
CA ARG A 58 2.79 14.91 6.01
C ARG A 58 2.73 14.63 7.49
N LEU A 59 1.59 14.14 7.96
CA LEU A 59 1.47 13.90 9.39
C LEU A 59 2.39 12.78 9.83
N ALA A 60 2.65 11.81 8.96
CA ALA A 60 3.50 10.69 9.32
C ALA A 60 4.95 11.14 9.48
N GLN A 61 5.38 12.08 8.65
CA GLN A 61 6.69 12.66 8.81
C GLN A 61 6.78 13.45 10.11
N GLY A 62 5.70 14.14 10.47
CA GLY A 62 5.66 14.76 11.78
C GLY A 62 5.88 13.78 12.91
N MET A 63 5.26 12.60 12.85
CA MET A 63 5.43 11.64 13.95
C MET A 63 6.87 11.16 14.05
N SER A 64 7.54 10.98 12.92
CA SER A 64 8.93 10.52 12.98
C SER A 64 9.78 11.51 13.74
N TYR A 65 9.60 12.81 13.48
CA TYR A 65 10.35 13.85 14.19
C TYR A 65 10.02 13.83 15.69
N LYS A 66 8.73 13.80 16.01
CA LYS A 66 8.31 13.83 17.41
C LYS A 66 8.83 12.61 18.15
N ALA A 67 8.68 11.43 17.54
CA ALA A 67 9.21 10.22 18.17
C ALA A 67 10.74 10.24 18.25
N ALA A 68 11.41 10.83 17.27
CA ALA A 68 12.87 10.83 17.28
C ALA A 68 13.41 11.69 18.42
N LEU A 69 12.82 12.86 18.65
CA LEU A 69 13.31 13.72 19.72
C LEU A 69 12.78 13.29 21.08
N ALA A 70 11.69 12.54 21.14
CA ALA A 70 11.35 11.98 22.43
C ALA A 70 12.23 10.79 22.79
N GLY A 71 13.19 10.44 21.92
CA GLY A 71 14.15 9.40 22.23
C GLY A 71 13.58 8.01 22.26
N LEU A 72 12.43 7.80 21.62
CA LEU A 72 11.77 6.50 21.62
C LEU A 72 12.32 5.60 20.52
N GLU A 73 12.09 4.29 20.69
CA GLU A 73 12.44 3.32 19.66
C GLU A 73 11.19 3.10 18.80
N GLN A 74 10.89 4.13 18.02
CA GLN A 74 9.60 4.26 17.39
C GLN A 74 9.78 5.13 16.15
N GLY A 75 9.21 4.69 15.04
CA GLY A 75 9.18 5.51 13.85
C GLY A 75 7.84 6.22 13.75
N GLY A 76 7.69 7.00 12.69
CA GLY A 76 6.52 7.81 12.48
C GLY A 76 5.62 7.18 11.43
N GLY A 77 4.33 7.09 11.76
CA GLY A 77 3.34 6.70 10.79
C GLY A 77 2.05 7.44 11.04
N LYS A 78 1.11 7.30 10.10
CA LYS A 78 -0.17 7.96 10.25
C LYS A 78 -1.19 7.26 9.39
N ALA A 79 -2.38 7.06 9.94
CA ALA A 79 -3.49 6.53 9.16
C ALA A 79 -4.55 7.60 8.96
N VAL A 80 -5.18 7.55 7.79
CA VAL A 80 -6.27 8.46 7.44
C VAL A 80 -7.37 7.62 6.82
N ILE A 81 -8.57 7.71 7.39
CA ILE A 81 -9.76 7.08 6.82
C ILE A 81 -10.67 8.17 6.28
N ILE A 82 -11.07 8.03 5.02
CA ILE A 82 -11.93 8.99 4.34
C ILE A 82 -13.37 8.72 4.76
N ARG A 83 -13.96 9.67 5.50
CA ARG A 83 -15.30 9.49 6.03
C ARG A 83 -16.30 9.31 4.90
N PRO A 84 -17.10 8.26 4.91
CA PRO A 84 -18.13 8.11 3.91
C PRO A 84 -19.25 9.09 4.18
N PRO A 85 -20.14 9.30 3.21
CA PRO A 85 -21.36 10.05 3.54
C PRO A 85 -22.40 9.16 4.22
N HIS A 86 -22.57 7.93 3.72
CA HIS A 86 -23.60 7.02 4.22
C HIS A 86 -23.20 6.41 5.56
N LEU A 87 -22.35 5.40 5.52
CA LEU A 87 -21.98 4.57 6.68
C LEU A 87 -23.16 3.96 7.42
N ASP A 88 -23.48 2.71 7.07
CA ASP A 88 -24.45 1.94 7.82
C ASP A 88 -23.89 1.45 9.15
N ASN A 89 -22.67 0.88 9.14
CA ASN A 89 -22.11 0.19 10.32
C ASN A 89 -20.66 0.61 10.56
N ARG A 90 -20.47 1.78 11.17
CA ARG A 90 -19.19 2.05 11.83
C ARG A 90 -18.96 0.99 12.89
N GLY A 91 -17.71 0.63 13.10
CA GLY A 91 -17.51 -0.47 14.01
C GLY A 91 -17.15 -1.67 13.18
N ALA A 92 -18.02 -2.07 12.26
CA ALA A 92 -17.58 -3.02 11.25
C ALA A 92 -16.57 -2.39 10.31
N LEU A 93 -16.70 -1.09 10.06
CA LEU A 93 -15.66 -0.38 9.32
C LEU A 93 -14.35 -0.46 10.07
N PHE A 94 -14.35 -0.11 11.35
CA PHE A 94 -13.10 -0.14 12.09
C PHE A 94 -12.56 -1.55 12.30
N GLU A 95 -13.38 -2.59 12.13
CA GLU A 95 -12.82 -3.94 12.22
C GLU A 95 -12.06 -4.28 10.95
N ALA A 96 -12.54 -3.79 9.82
CA ALA A 96 -11.80 -3.94 8.58
C ALA A 96 -10.49 -3.16 8.66
N PHE A 97 -10.53 -1.92 9.16
CA PHE A 97 -9.30 -1.16 9.33
C PHE A 97 -8.30 -1.90 10.21
N GLY A 98 -8.78 -2.64 11.21
CA GLY A 98 -7.87 -3.41 12.03
C GLY A 98 -7.27 -4.58 11.27
N ARG A 99 -8.00 -5.11 10.29
CA ARG A 99 -7.42 -6.17 9.47
C ARG A 99 -6.38 -5.59 8.52
N PHE A 100 -6.68 -4.42 7.96
CA PHE A 100 -5.69 -3.66 7.20
C PHE A 100 -4.41 -3.46 8.00
N ILE A 101 -4.53 -3.01 9.24
CA ILE A 101 -3.34 -2.82 10.06
C ILE A 101 -2.60 -4.13 10.22
N GLU A 102 -3.34 -5.19 10.55
CA GLU A 102 -2.70 -6.49 10.76
C GLU A 102 -1.87 -6.87 9.55
N SER A 103 -2.42 -6.64 8.35
CA SER A 103 -1.73 -7.07 7.13
C SER A 103 -0.33 -6.48 7.01
N LEU A 104 -0.02 -5.40 7.73
CA LEU A 104 1.33 -4.84 7.74
C LEU A 104 2.19 -5.39 8.87
N GLY A 105 1.62 -6.22 9.74
CA GLY A 105 2.39 -7.04 10.67
C GLY A 105 3.25 -6.29 11.66
N GLY A 106 2.69 -5.25 12.30
CA GLY A 106 3.40 -4.53 13.32
C GLY A 106 4.30 -3.43 12.83
N ARG A 107 4.51 -3.31 11.52
CA ARG A 107 5.24 -2.15 11.01
C ARG A 107 4.53 -0.85 11.38
N TYR A 108 3.21 -0.87 11.50
CA TYR A 108 2.41 0.29 11.88
C TYR A 108 1.59 0.00 13.13
N ILE A 109 1.65 0.91 14.11
CA ILE A 109 0.84 0.86 15.33
C ILE A 109 -0.04 2.10 15.36
N THR A 110 -1.33 1.89 15.61
CA THR A 110 -2.32 2.96 15.48
C THR A 110 -2.69 3.54 16.84
N ALA A 111 -3.53 4.58 16.80
CA ALA A 111 -3.79 5.46 17.95
C ALA A 111 -4.96 6.36 17.56
N VAL A 112 -5.41 7.17 18.53
CA VAL A 112 -6.59 8.01 18.31
C VAL A 112 -6.16 9.37 17.79
N ASP A 113 -7.09 10.04 17.12
CA ASP A 113 -6.82 11.31 16.45
C ASP A 113 -8.19 11.85 16.01
N SER A 114 -8.17 12.98 15.31
CA SER A 114 -9.40 13.67 14.93
C SER A 114 -10.37 12.73 14.22
N GLY A 115 -11.59 12.64 14.78
CA GLY A 115 -12.63 11.81 14.23
C GLY A 115 -12.64 10.38 14.72
N THR A 116 -11.67 9.97 15.52
CA THR A 116 -11.68 8.64 16.09
C THR A 116 -11.65 8.75 17.61
N SER A 117 -12.10 7.67 18.24
CA SER A 117 -12.30 7.60 19.67
C SER A 117 -11.79 6.25 20.14
N SER A 118 -11.60 6.13 21.45
CA SER A 118 -11.24 4.83 22.01
C SER A 118 -12.30 3.79 21.70
N ALA A 119 -13.55 4.22 21.48
CA ALA A 119 -14.59 3.32 20.99
C ALA A 119 -14.13 2.59 19.73
N ASP A 120 -13.68 3.37 18.73
CA ASP A 120 -13.21 2.77 17.49
C ASP A 120 -11.92 1.96 17.69
N MET A 121 -11.08 2.34 18.65
CA MET A 121 -9.88 1.55 18.93
C MET A 121 -10.22 0.19 19.50
N ASP A 122 -11.31 0.11 20.27
CA ASP A 122 -11.80 -1.17 20.76
C ASP A 122 -12.19 -2.09 19.60
N CYS A 123 -12.90 -1.55 18.61
CA CYS A 123 -13.23 -2.36 17.45
C CYS A 123 -11.98 -2.77 16.69
N ILE A 124 -11.08 -1.82 16.44
CA ILE A 124 -9.79 -2.15 15.82
C ILE A 124 -9.14 -3.30 16.55
N ALA A 125 -9.12 -3.23 17.89
CA ALA A 125 -8.42 -4.23 18.70
C ALA A 125 -8.95 -5.63 18.46
N GLN A 126 -10.21 -5.76 18.03
CA GLN A 126 -10.76 -7.07 17.70
C GLN A 126 -9.92 -7.80 16.68
N GLN A 127 -9.29 -7.06 15.76
CA GLN A 127 -8.64 -7.65 14.61
C GLN A 127 -7.11 -7.56 14.65
N THR A 128 -6.53 -6.78 15.55
CA THR A 128 -5.08 -6.68 15.65
C THR A 128 -4.73 -6.20 17.05
N ARG A 129 -3.47 -6.44 17.43
CA ARG A 129 -2.94 -5.88 18.66
C ARG A 129 -2.05 -4.66 18.41
N HIS A 130 -1.89 -4.23 17.17
CA HIS A 130 -1.05 -3.06 16.92
C HIS A 130 -1.86 -1.79 17.01
N VAL A 131 -2.54 -1.66 18.16
CA VAL A 131 -3.43 -0.56 18.42
C VAL A 131 -3.15 -0.08 19.83
N THR A 132 -3.41 1.21 20.06
CA THR A 132 -3.32 1.78 21.40
C THR A 132 -4.54 2.63 21.66
N SER A 133 -4.52 3.32 22.80
CA SER A 133 -5.59 4.19 23.26
C SER A 133 -6.96 3.56 23.09
N THR A 134 -7.05 2.29 23.51
CA THR A 134 -8.34 1.64 23.72
C THR A 134 -9.08 2.31 24.87
N THR A 135 -10.37 1.96 25.04
CA THR A 135 -11.07 2.44 26.23
C THR A 135 -10.42 1.89 27.50
N GLN A 136 -9.95 0.64 27.45
CA GLN A 136 -9.31 0.07 28.62
C GLN A 136 -7.99 0.77 28.95
N ALA A 137 -7.28 1.28 27.94
CA ALA A 137 -6.10 2.06 28.24
C ALA A 137 -6.53 3.36 28.91
N GLY A 138 -5.55 4.10 29.42
CA GLY A 138 -5.93 5.33 30.08
C GLY A 138 -6.51 6.40 29.18
N ASP A 139 -6.55 7.61 29.71
CA ASP A 139 -6.56 8.82 28.90
C ASP A 139 -5.19 9.44 29.10
N PRO A 140 -4.33 9.50 28.07
CA PRO A 140 -2.96 9.98 28.29
C PRO A 140 -2.84 11.49 28.40
N SER A 141 -3.94 12.23 28.30
CA SER A 141 -3.92 13.69 28.39
C SER A 141 -3.10 14.21 29.56
N PRO A 142 -3.26 13.72 30.80
CA PRO A 142 -2.43 14.24 31.90
C PRO A 142 -0.95 14.24 31.60
N HIS A 143 -0.44 13.21 30.92
CA HIS A 143 0.99 13.21 30.66
C HIS A 143 1.36 14.32 29.69
N THR A 144 0.51 14.58 28.71
CA THR A 144 0.77 15.71 27.83
C THR A 144 0.78 17.00 28.62
N ALA A 145 -0.25 17.20 29.45
CA ALA A 145 -0.39 18.42 30.22
C ALA A 145 0.83 18.68 31.08
N LEU A 146 1.24 17.69 31.86
CA LEU A 146 2.38 17.88 32.75
C LEU A 146 3.67 18.09 31.97
N GLY A 147 3.78 17.51 30.77
CA GLY A 147 4.97 17.75 29.97
C GLY A 147 5.08 19.19 29.53
N VAL A 148 3.97 19.76 29.04
CA VAL A 148 3.96 21.15 28.62
C VAL A 148 4.18 22.07 29.81
N PHE A 149 3.60 21.73 30.96
CA PHE A 149 3.83 22.54 32.15
C PHE A 149 5.31 22.57 32.47
N ALA A 150 5.95 21.40 32.47
CA ALA A 150 7.39 21.35 32.60
C ALA A 150 8.05 22.24 31.56
N GLY A 151 7.58 22.14 30.30
CA GLY A 151 8.19 22.92 29.22
C GLY A 151 7.96 24.43 29.35
N ILE A 152 6.82 24.83 29.91
CA ILE A 152 6.62 26.26 30.16
C ILE A 152 7.60 26.77 31.22
N ARG A 153 7.77 25.98 32.31
CA ARG A 153 8.80 26.27 33.30
C ARG A 153 10.16 26.47 32.62
N ALA A 154 10.53 25.57 31.70
CA ALA A 154 11.85 25.68 31.08
C ALA A 154 11.93 26.87 30.13
N SER A 155 10.83 27.20 29.44
CA SER A 155 10.85 28.34 28.53
C SER A 155 10.94 29.65 29.29
N ALA A 156 10.24 29.76 30.43
CA ALA A 156 10.35 30.96 31.24
C ALA A 156 11.77 31.13 31.75
N GLN A 157 12.40 30.03 32.15
CA GLN A 157 13.78 30.08 32.57
C GLN A 157 14.67 30.66 31.47
N ALA A 158 14.61 30.04 30.28
CA ALA A 158 15.48 30.46 29.20
C ALA A 158 15.14 31.87 28.71
N ARG A 159 13.86 32.24 28.72
CA ARG A 159 13.47 33.48 28.07
C ARG A 159 13.41 34.64 29.05
N LEU A 160 12.98 34.39 30.27
CA LEU A 160 12.81 35.44 31.26
C LEU A 160 13.86 35.40 32.37
N GLY A 161 14.56 34.29 32.54
CA GLY A 161 15.63 34.18 33.51
C GLY A 161 15.32 33.33 34.72
N SER A 162 14.05 33.06 34.98
CA SER A 162 13.63 32.31 36.16
C SER A 162 12.57 31.31 35.74
N ASP A 163 12.62 30.12 36.31
CA ASP A 163 11.58 29.11 36.09
C ASP A 163 10.45 29.22 37.09
N ASP A 164 10.43 30.30 37.89
CA ASP A 164 9.29 30.58 38.74
C ASP A 164 8.13 31.14 37.91
N LEU A 165 6.94 30.65 38.21
CA LEU A 165 5.75 30.97 37.44
C LEU A 165 4.73 31.81 38.20
N GLU A 166 4.81 31.88 39.53
CA GLU A 166 3.85 32.65 40.32
C GLU A 166 3.80 34.09 39.84
N GLY A 167 2.57 34.58 39.61
CA GLY A 167 2.36 35.94 39.16
C GLY A 167 2.62 36.17 37.69
N LEU A 168 3.22 35.22 36.98
CA LEU A 168 3.35 35.34 35.54
C LEU A 168 1.98 35.28 34.89
N ARG A 169 1.77 36.15 33.89
CA ARG A 169 0.60 36.06 33.03
C ARG A 169 0.83 34.97 31.99
N VAL A 170 -0.04 33.95 31.99
CA VAL A 170 0.04 32.86 31.04
C VAL A 170 -1.34 32.69 30.42
N ALA A 171 -1.40 32.66 29.09
CA ALA A 171 -2.66 32.57 28.37
C ALA A 171 -2.78 31.16 27.79
N VAL A 172 -3.88 30.49 28.11
CA VAL A 172 -4.13 29.11 27.70
C VAL A 172 -5.27 29.15 26.71
N GLN A 173 -4.96 28.91 25.43
CA GLN A 173 -5.96 28.90 24.38
C GLN A 173 -6.50 27.49 24.19
N GLY A 174 -7.74 27.26 24.62
CA GLY A 174 -8.36 25.95 24.48
C GLY A 174 -8.45 25.21 25.80
N LEU A 175 -9.62 24.75 26.18
CA LEU A 175 -9.80 24.07 27.45
C LEU A 175 -10.34 22.66 27.28
N GLY A 176 -9.88 21.93 26.26
CA GLY A 176 -10.13 20.50 26.23
C GLY A 176 -9.37 19.79 27.34
N HIS A 177 -9.37 18.46 27.35
CA HIS A 177 -8.77 17.70 28.46
C HIS A 177 -7.37 18.21 28.79
N VAL A 178 -6.53 18.41 27.77
CA VAL A 178 -5.16 18.83 28.02
C VAL A 178 -5.12 20.29 28.45
N GLY A 179 -5.84 21.15 27.72
CA GLY A 179 -5.79 22.57 28.02
C GLY A 179 -6.27 22.91 29.42
N TYR A 180 -7.37 22.28 29.84
CA TYR A 180 -7.85 22.51 31.20
C TYR A 180 -6.88 21.96 32.22
N ALA A 181 -6.35 20.76 32.01
CA ALA A 181 -5.40 20.22 32.97
C ALA A 181 -4.16 21.11 33.09
N LEU A 182 -3.69 21.65 31.96
CA LEU A 182 -2.58 22.58 32.03
C LEU A 182 -2.99 23.84 32.79
N ALA A 183 -4.17 24.37 32.49
CA ALA A 183 -4.62 25.58 33.18
C ALA A 183 -4.68 25.34 34.67
N GLU A 184 -5.17 24.16 35.06
CA GLU A 184 -5.28 23.82 36.48
C GLU A 184 -3.92 23.81 37.16
N GLN A 185 -2.93 23.18 36.53
CA GLN A 185 -1.57 23.24 37.05
C GLN A 185 -1.16 24.69 37.23
N LEU A 186 -1.50 25.54 36.25
CA LEU A 186 -1.06 26.94 36.26
C LEU A 186 -1.73 27.71 37.38
N ALA A 187 -2.99 27.43 37.65
CA ALA A 187 -3.66 28.10 38.76
C ALA A 187 -3.06 27.69 40.10
N ALA A 188 -2.78 26.39 40.29
CA ALA A 188 -2.21 25.93 41.55
C ALA A 188 -0.88 26.62 41.84
N VAL A 189 -0.06 26.81 40.79
CA VAL A 189 1.23 27.46 40.96
C VAL A 189 1.12 28.94 41.24
N GLY A 190 -0.05 29.54 41.04
CA GLY A 190 -0.17 30.95 41.28
C GLY A 190 0.18 31.80 40.09
N ALA A 191 0.13 31.25 38.90
CA ALA A 191 0.22 32.06 37.71
C ALA A 191 -1.04 32.92 37.57
N GLU A 192 -0.88 34.08 36.95
CA GLU A 192 -2.03 34.87 36.52
C GLU A 192 -2.56 34.28 35.22
N LEU A 193 -3.68 33.59 35.32
CA LEU A 193 -4.16 32.68 34.29
C LEU A 193 -5.21 33.35 33.40
N LEU A 194 -4.98 33.36 32.09
CA LEU A 194 -5.94 33.85 31.11
C LEU A 194 -6.38 32.68 30.24
N VAL A 195 -7.69 32.51 30.06
CA VAL A 195 -8.21 31.34 29.36
C VAL A 195 -9.20 31.76 28.28
N CYS A 196 -9.37 30.87 27.29
CA CYS A 196 -10.37 31.06 26.25
C CYS A 196 -10.71 29.69 25.67
N ASP A 197 -11.96 29.53 25.23
CA ASP A 197 -12.39 28.32 24.57
C ASP A 197 -13.71 28.61 23.88
N LEU A 198 -13.98 27.85 22.80
CA LEU A 198 -15.22 28.05 22.06
C LEU A 198 -16.43 27.67 22.91
N ASP A 199 -16.30 26.64 23.73
CA ASP A 199 -17.35 26.25 24.63
C ASP A 199 -17.45 27.25 25.77
N PRO A 200 -18.49 28.10 25.81
CA PRO A 200 -18.54 29.10 26.90
C PRO A 200 -18.57 28.47 28.27
N GLY A 201 -19.14 27.27 28.39
CA GLY A 201 -19.23 26.63 29.69
C GLY A 201 -17.95 25.99 30.16
N ARG A 202 -17.07 25.63 29.24
CA ARG A 202 -15.72 25.27 29.67
C ARG A 202 -15.02 26.47 30.28
N VAL A 203 -15.21 27.65 29.70
CA VAL A 203 -14.59 28.85 30.28
C VAL A 203 -15.18 29.13 31.65
N GLN A 204 -16.49 28.92 31.81
CA GLN A 204 -17.13 29.15 33.09
C GLN A 204 -16.55 28.24 34.17
N LEU A 205 -16.33 26.98 33.84
CA LEU A 205 -15.70 26.07 34.77
C LEU A 205 -14.35 26.58 35.19
N ALA A 206 -13.57 27.10 34.25
CA ALA A 206 -12.23 27.54 34.56
C ALA A 206 -12.25 28.84 35.37
N VAL A 207 -13.22 29.72 35.08
CA VAL A 207 -13.36 30.89 35.93
C VAL A 207 -13.79 30.47 37.34
N GLU A 208 -14.76 29.56 37.41
CA GLU A 208 -15.32 29.19 38.71
C GLU A 208 -14.35 28.35 39.54
N GLN A 209 -13.67 27.39 38.91
CA GLN A 209 -12.82 26.48 39.69
C GLN A 209 -11.34 26.82 39.69
N LEU A 210 -10.86 27.63 38.75
CA LEU A 210 -9.44 27.97 38.71
C LEU A 210 -9.18 29.42 39.05
N GLY A 211 -10.21 30.26 39.11
CA GLY A 211 -9.96 31.68 39.17
C GLY A 211 -9.37 32.21 37.89
N ALA A 212 -9.74 31.64 36.76
CA ALA A 212 -9.19 32.05 35.48
C ALA A 212 -9.81 33.37 35.02
N HIS A 213 -8.98 34.22 34.40
CA HIS A 213 -9.45 35.48 33.83
C HIS A 213 -9.88 35.21 32.39
N PRO A 214 -11.16 35.31 32.07
CA PRO A 214 -11.61 34.89 30.73
C PRO A 214 -11.40 35.97 29.67
N LEU A 215 -11.21 35.51 28.44
CA LEU A 215 -10.96 36.36 27.30
C LEU A 215 -11.70 35.79 26.11
N ALA A 216 -12.14 36.67 25.21
CA ALA A 216 -12.66 36.21 23.94
C ALA A 216 -11.54 35.56 23.12
N PRO A 217 -11.88 34.55 22.31
CA PRO A 217 -10.82 33.84 21.55
C PRO A 217 -10.02 34.73 20.60
N GLU A 218 -10.70 35.63 19.87
CA GLU A 218 -9.98 36.59 19.02
C GLU A 218 -9.02 37.45 19.83
N ALA A 219 -9.35 37.76 21.08
CA ALA A 219 -8.48 38.62 21.89
C ALA A 219 -7.35 37.85 22.55
N LEU A 220 -7.60 36.58 22.92
CA LEU A 220 -6.63 35.85 23.71
C LEU A 220 -5.27 35.82 23.02
N LEU A 221 -5.26 35.55 21.72
CA LEU A 221 -3.98 35.29 21.05
C LEU A 221 -3.05 36.49 21.04
N SER A 222 -3.56 37.69 21.33
CA SER A 222 -2.76 38.89 21.24
C SER A 222 -2.72 39.67 22.55
N THR A 223 -3.39 39.20 23.60
CA THR A 223 -3.26 39.85 24.88
C THR A 223 -1.80 39.92 25.30
N PRO A 224 -1.40 40.98 26.01
CA PRO A 224 -0.06 41.00 26.59
C PRO A 224 0.01 40.01 27.76
N CYS A 225 1.02 39.16 27.71
CA CYS A 225 1.20 38.13 28.72
C CYS A 225 2.67 37.75 28.68
N ASP A 226 3.08 36.90 29.60
CA ASP A 226 4.44 36.43 29.55
C ASP A 226 4.58 35.23 28.62
N ILE A 227 3.63 34.30 28.67
CA ILE A 227 3.72 33.06 27.91
C ILE A 227 2.36 32.76 27.30
N LEU A 228 2.35 32.47 25.99
CA LEU A 228 1.15 32.02 25.32
C LEU A 228 1.24 30.51 25.11
N ALA A 229 0.22 29.80 25.59
CA ALA A 229 0.14 28.35 25.47
C ALA A 229 -0.98 27.96 24.51
N PRO A 230 -0.67 27.70 23.24
CA PRO A 230 -1.71 27.20 22.31
C PRO A 230 -2.10 25.75 22.60
N CYS A 231 -3.38 25.52 22.90
CA CYS A 231 -3.88 24.18 23.17
C CYS A 231 -5.18 23.91 22.44
N GLY A 232 -5.33 24.46 21.24
CA GLY A 232 -6.50 24.18 20.42
C GLY A 232 -6.16 23.61 19.06
N LEU A 233 -6.80 24.15 18.02
CA LEU A 233 -6.57 23.62 16.68
C LEU A 233 -5.17 23.99 16.20
N GLY A 234 -4.72 23.32 15.15
CA GLY A 234 -3.41 23.59 14.61
C GLY A 234 -3.42 24.81 13.71
N GLY A 235 -2.23 25.21 13.31
CA GLY A 235 -2.11 26.41 12.52
C GLY A 235 -2.33 27.72 13.27
N VAL A 236 -2.33 27.68 14.60
CA VAL A 236 -2.61 28.89 15.39
C VAL A 236 -1.58 29.98 15.10
N LEU A 237 -0.35 29.62 14.73
CA LEU A 237 0.69 30.58 14.45
C LEU A 237 0.80 30.80 12.93
N THR A 238 0.36 31.96 12.48
CA THR A 238 0.48 32.40 11.10
C THR A 238 1.34 33.63 11.09
N SER A 239 1.75 34.05 9.90
CA SER A 239 2.43 35.33 9.77
C SER A 239 1.59 36.46 10.34
N GLN A 240 0.27 36.33 10.24
CA GLN A 240 -0.62 37.35 10.80
C GLN A 240 -0.58 37.33 12.33
N SER A 241 -0.89 36.19 12.94
CA SER A 241 -0.98 36.18 14.39
C SER A 241 0.37 36.41 15.06
N VAL A 242 1.46 36.03 14.39
CA VAL A 242 2.77 36.27 14.99
C VAL A 242 3.07 37.78 15.04
N SER A 243 2.51 38.56 14.11
CA SER A 243 2.76 39.99 14.13
C SER A 243 2.01 40.68 15.25
N GLN A 244 0.97 40.05 15.80
CA GLN A 244 0.18 40.64 16.87
C GLN A 244 0.38 39.93 18.21
N LEU A 245 1.33 39.01 18.31
CA LEU A 245 1.68 38.42 19.59
C LEU A 245 2.26 39.47 20.53
N ARG A 246 1.89 39.40 21.81
CA ARG A 246 2.45 40.25 22.87
C ARG A 246 3.03 39.44 24.02
N CYS A 247 3.25 38.16 23.84
CA CYS A 247 3.85 37.30 24.83
C CYS A 247 5.36 37.41 24.72
N ALA A 248 6.06 36.87 25.72
CA ALA A 248 7.51 36.75 25.58
C ALA A 248 7.92 35.39 25.05
N ALA A 249 7.01 34.41 25.05
CA ALA A 249 7.32 33.07 24.59
C ALA A 249 6.02 32.36 24.25
N VAL A 250 6.09 31.44 23.29
CA VAL A 250 4.97 30.59 22.91
C VAL A 250 5.30 29.16 23.31
N ALA A 251 4.40 28.53 24.07
CA ALA A 251 4.71 27.20 24.62
C ALA A 251 3.39 26.52 24.99
N GLY A 252 2.95 25.57 24.16
CA GLY A 252 1.64 24.99 24.32
C GLY A 252 1.58 23.55 23.84
N ALA A 253 0.41 22.92 24.04
CA ALA A 253 0.27 21.50 23.79
C ALA A 253 -0.22 21.16 22.38
N ALA A 254 -0.80 22.11 21.67
CA ALA A 254 -1.41 21.82 20.38
C ALA A 254 -0.38 21.29 19.36
N ASN A 255 -0.86 20.42 18.49
CA ASN A 255 -0.06 19.87 17.40
C ASN A 255 -0.05 20.83 16.21
N ASN A 256 1.08 20.86 15.50
CA ASN A 256 1.19 21.59 14.25
C ASN A 256 0.76 23.04 14.46
N GLN A 257 1.53 23.70 15.30
CA GLN A 257 1.24 25.08 15.65
C GLN A 257 1.67 26.01 14.53
N LEU A 258 2.84 25.76 13.94
CA LEU A 258 3.34 26.54 12.81
C LEU A 258 2.52 26.29 11.55
N GLU A 259 1.92 27.36 10.99
CA GLU A 259 1.24 27.25 9.70
C GLU A 259 2.22 26.87 8.60
N ARG A 260 3.41 27.48 8.60
CA ARG A 260 4.48 27.11 7.70
C ARG A 260 5.79 27.16 8.45
N PRO A 261 6.76 26.33 8.08
CA PRO A 261 8.09 26.40 8.70
C PRO A 261 8.66 27.80 8.79
N GLU A 262 8.34 28.65 7.82
CA GLU A 262 8.92 29.99 7.74
C GLU A 262 8.55 30.85 8.95
N VAL A 263 7.41 30.56 9.57
CA VAL A 263 6.90 31.37 10.68
C VAL A 263 7.83 31.35 11.88
N ALA A 264 8.53 30.23 12.10
CA ALA A 264 9.46 30.12 13.22
C ALA A 264 10.56 31.15 13.15
N ASP A 265 10.87 31.65 11.96
CA ASP A 265 11.84 32.72 11.86
C ASP A 265 11.19 34.07 12.08
N GLU A 266 9.90 34.18 11.78
CA GLU A 266 9.17 35.39 12.14
C GLU A 266 9.09 35.53 13.65
N LEU A 267 8.91 34.41 14.36
CA LEU A 267 8.88 34.44 15.81
C LEU A 267 10.22 34.86 16.37
N GLU A 268 11.29 34.16 15.95
CA GLU A 268 12.62 34.49 16.46
C GLU A 268 13.00 35.92 16.10
N ALA A 269 12.59 36.37 14.91
CA ALA A 269 12.93 37.74 14.47
C ALA A 269 12.22 38.79 15.30
N ARG A 270 11.13 38.44 15.97
CA ARG A 270 10.52 39.34 16.94
C ARG A 270 11.06 39.15 18.34
N GLY A 271 11.89 38.12 18.55
CA GLY A 271 12.43 37.85 19.87
C GLY A 271 11.52 37.05 20.76
N ILE A 272 10.53 36.37 20.20
CA ILE A 272 9.61 35.55 20.98
C ILE A 272 10.12 34.11 20.98
N LEU A 273 10.35 33.56 22.17
CA LEU A 273 10.80 32.18 22.25
C LEU A 273 9.66 31.25 21.88
N TYR A 274 9.96 30.28 21.04
CA TYR A 274 8.96 29.30 20.63
C TYR A 274 9.43 27.92 21.07
N ALA A 275 8.61 27.25 21.86
CA ALA A 275 8.85 25.85 22.21
C ALA A 275 8.30 24.98 21.09
N PRO A 276 9.16 24.28 20.37
CA PRO A 276 8.68 23.48 19.24
C PRO A 276 7.63 22.49 19.71
N ASP A 277 6.44 22.61 19.11
CA ASP A 277 5.29 21.85 19.60
C ASP A 277 5.65 20.38 19.80
N TYR A 278 6.37 19.78 18.85
CA TYR A 278 6.49 18.35 18.92
C TYR A 278 7.50 17.90 19.96
N VAL A 279 8.34 18.81 20.46
CA VAL A 279 9.14 18.53 21.64
C VAL A 279 8.31 18.71 22.91
N ILE A 280 7.72 19.89 23.09
CA ILE A 280 7.08 20.19 24.36
C ILE A 280 5.81 19.37 24.63
N ASN A 281 5.16 18.81 23.60
CA ASN A 281 3.88 18.13 23.82
C ASN A 281 3.97 16.60 23.72
N SER A 282 5.16 16.02 23.67
CA SER A 282 5.32 14.58 23.46
C SER A 282 4.94 13.70 24.67
N GLY A 283 4.58 14.26 25.81
CA GLY A 283 4.33 13.43 26.98
C GLY A 283 3.28 12.36 26.74
N GLY A 284 2.18 12.71 26.07
CA GLY A 284 1.19 11.71 25.76
C GLY A 284 1.76 10.60 24.89
N LEU A 285 2.64 10.96 23.96
CA LEU A 285 3.22 9.96 23.06
C LEU A 285 4.20 9.05 23.82
N ILE A 286 5.05 9.65 24.66
CA ILE A 286 6.01 8.87 25.41
C ILE A 286 5.31 7.81 26.27
N TYR A 287 4.24 8.18 26.95
CA TYR A 287 3.56 7.23 27.82
C TYR A 287 2.88 6.13 27.02
N VAL A 288 2.08 6.52 26.00
CA VAL A 288 1.36 5.54 25.19
C VAL A 288 2.31 4.55 24.55
N ALA A 289 3.42 5.06 24.00
CA ALA A 289 4.32 4.18 23.28
C ALA A 289 5.04 3.24 24.22
N LEU A 290 5.52 3.75 25.35
CA LEU A 290 6.27 2.89 26.25
C LEU A 290 5.34 1.87 26.91
N LYS A 291 4.16 2.32 27.37
CA LYS A 291 3.19 1.36 27.89
C LYS A 291 2.82 0.32 26.85
N HIS A 292 2.79 0.70 25.56
CA HIS A 292 2.38 -0.28 24.56
C HIS A 292 3.44 -1.34 24.32
N ARG A 293 4.71 -1.00 24.49
CA ARG A 293 5.77 -1.97 24.34
C ARG A 293 6.16 -2.62 25.66
N GLY A 294 5.49 -2.28 26.75
CA GLY A 294 5.80 -2.89 28.04
C GLY A 294 7.14 -2.53 28.61
N ALA A 295 7.61 -1.31 28.39
CA ALA A 295 8.91 -0.86 28.89
C ALA A 295 8.95 -0.80 30.42
N ASP A 296 10.16 -0.75 30.95
CA ASP A 296 10.36 -0.72 32.39
C ASP A 296 9.81 0.59 32.96
N PRO A 297 9.12 0.54 34.10
CA PRO A 297 8.62 1.78 34.72
C PRO A 297 9.68 2.83 34.94
N HIS A 298 10.88 2.44 35.35
CA HIS A 298 11.96 3.42 35.48
C HIS A 298 12.18 4.15 34.16
N SER A 299 12.03 3.43 33.04
CA SER A 299 12.29 4.09 31.77
C SER A 299 11.20 5.08 31.42
N ILE A 300 9.97 4.84 31.88
CA ILE A 300 8.86 5.73 31.54
C ILE A 300 9.01 7.07 32.24
N THR A 301 9.25 7.04 33.56
CA THR A 301 9.49 8.26 34.31
C THR A 301 10.69 9.02 33.75
N ALA A 302 11.73 8.29 33.38
CA ALA A 302 12.96 8.93 32.91
C ALA A 302 12.70 9.69 31.63
N HIS A 303 11.97 9.09 30.70
CA HIS A 303 11.71 9.74 29.43
C HIS A 303 10.82 10.96 29.60
N LEU A 304 9.75 10.84 30.40
CA LEU A 304 8.87 11.97 30.63
C LEU A 304 9.63 13.12 31.27
N ALA A 305 10.53 12.80 32.20
CA ALA A 305 11.25 13.83 32.94
C ALA A 305 12.20 14.61 32.05
N ARG A 306 12.52 14.11 30.86
CA ARG A 306 13.52 14.71 30.01
C ARG A 306 12.98 15.82 29.13
N ILE A 307 11.66 15.99 29.04
CA ILE A 307 11.07 16.99 28.15
C ILE A 307 11.63 18.38 28.44
N PRO A 308 11.53 18.93 29.67
CA PRO A 308 12.07 20.29 29.87
C PRO A 308 13.56 20.37 29.62
N ALA A 309 14.30 19.33 30.02
CA ALA A 309 15.74 19.31 29.79
C ALA A 309 16.04 19.33 28.31
N ARG A 310 15.26 18.58 27.53
CA ARG A 310 15.43 18.64 26.09
C ARG A 310 15.22 20.05 25.59
N LEU A 311 14.19 20.73 26.13
CA LEU A 311 13.92 22.10 25.70
C LEU A 311 15.10 23.00 26.03
N THR A 312 15.60 22.91 27.26
CA THR A 312 16.77 23.68 27.67
C THR A 312 17.90 23.53 26.67
N GLU A 313 18.25 22.27 26.33
CA GLU A 313 19.32 22.02 25.38
C GLU A 313 19.04 22.69 24.05
N ILE A 314 17.86 22.45 23.47
CA ILE A 314 17.48 23.12 22.24
C ILE A 314 17.70 24.62 22.40
N TYR A 315 17.13 25.18 23.46
CA TYR A 315 17.17 26.62 23.66
C TYR A 315 18.59 27.14 23.67
N ALA A 316 19.50 26.36 24.25
CA ALA A 316 20.92 26.77 24.27
C ALA A 316 21.48 26.77 22.86
N HIS A 317 21.28 25.68 22.12
CA HIS A 317 21.77 25.63 20.75
C HIS A 317 21.21 26.78 19.91
N ALA A 318 19.93 27.11 20.10
CA ALA A 318 19.35 28.13 19.25
C ALA A 318 19.99 29.48 19.51
N GLN A 319 20.21 29.82 20.79
CA GLN A 319 20.94 31.02 21.14
C GLN A 319 22.33 31.04 20.48
N ALA A 320 23.10 29.99 20.72
CA ALA A 320 24.46 29.83 20.20
C ALA A 320 24.55 29.90 18.69
N ASP A 321 23.42 29.87 17.98
CA ASP A 321 23.41 29.91 16.53
C ASP A 321 22.56 31.05 15.99
N HIS A 322 22.00 31.90 16.85
CA HIS A 322 21.04 32.93 16.45
C HIS A 322 20.00 32.33 15.53
N GLN A 323 19.52 31.12 15.87
CA GLN A 323 18.61 30.34 15.05
C GLN A 323 17.31 30.09 15.80
N SER A 324 16.22 29.88 15.07
CA SER A 324 14.97 29.54 15.74
C SER A 324 15.06 28.15 16.33
N PRO A 325 14.52 27.92 17.53
CA PRO A 325 14.56 26.56 18.11
C PRO A 325 13.85 25.53 17.26
N ALA A 326 12.91 25.95 16.41
CA ALA A 326 12.30 25.00 15.49
C ALA A 326 13.30 24.50 14.47
N ARG A 327 14.15 25.40 13.93
CA ARG A 327 15.24 24.95 13.08
C ARG A 327 16.14 23.98 13.81
N ILE A 328 16.47 24.28 15.07
CA ILE A 328 17.37 23.41 15.81
C ILE A 328 16.78 22.02 15.96
N ALA A 329 15.51 21.95 16.39
CA ALA A 329 14.84 20.67 16.55
C ALA A 329 14.80 19.90 15.23
N ASP A 330 14.38 20.55 14.14
CA ASP A 330 14.33 19.90 12.84
C ASP A 330 15.64 19.22 12.50
N ARG A 331 16.75 19.97 12.55
CA ARG A 331 18.03 19.42 12.14
C ARG A 331 18.47 18.27 13.04
N LEU A 332 18.19 18.40 14.33
CA LEU A 332 18.39 17.27 15.23
C LEU A 332 17.61 16.05 14.75
N ALA A 333 16.36 16.25 14.35
CA ALA A 333 15.52 15.13 13.95
C ALA A 333 16.04 14.52 12.66
N GLU A 334 16.43 15.39 11.72
CA GLU A 334 16.94 14.92 10.44
C GLU A 334 18.16 14.03 10.63
N ARG A 335 19.13 14.51 11.42
CA ARG A 335 20.31 13.70 11.67
C ARG A 335 19.94 12.33 12.23
N ILE A 336 19.03 12.29 13.20
CA ILE A 336 18.61 10.99 13.70
C ILE A 336 17.95 10.18 12.57
N LEU A 337 17.00 10.79 11.85
CA LEU A 337 16.24 10.01 10.88
C LEU A 337 17.00 9.74 9.59
N TYR A 338 17.90 10.62 9.17
CA TYR A 338 18.54 10.53 7.86
C TYR A 338 20.06 10.52 7.84
N GLY A 339 20.73 10.51 9.00
CA GLY A 339 22.19 10.60 9.04
C GLY A 339 22.93 9.39 8.50
N MET B 1 -5.77 6.92 -5.19
CA MET B 1 -5.90 6.05 -6.36
C MET B 1 -7.13 5.18 -6.15
N PHE B 2 -8.10 5.71 -5.38
CA PHE B 2 -9.19 4.88 -4.88
C PHE B 2 -10.26 4.64 -5.93
N ASP B 3 -10.38 5.54 -6.90
CA ASP B 3 -11.30 5.27 -8.00
C ASP B 3 -10.84 4.04 -8.77
N MET B 4 -9.57 4.03 -9.19
CA MET B 4 -8.98 2.84 -9.78
C MET B 4 -9.24 1.60 -8.93
N MET B 5 -8.80 1.61 -7.66
CA MET B 5 -8.90 0.39 -6.87
C MET B 5 -10.35 -0.07 -6.77
N ASP B 6 -11.27 0.87 -6.57
CA ASP B 6 -12.67 0.49 -6.49
C ASP B 6 -13.17 -0.06 -7.83
N ALA B 7 -12.69 0.52 -8.93
CA ALA B 7 -13.08 0.00 -10.23
C ALA B 7 -12.64 -1.46 -10.38
N ALA B 8 -11.43 -1.77 -9.96
CA ALA B 8 -10.91 -3.12 -10.10
C ALA B 8 -11.27 -4.02 -8.94
N ARG B 9 -11.91 -3.49 -7.90
CA ARG B 9 -12.24 -4.26 -6.71
C ARG B 9 -10.97 -4.78 -6.05
N LEU B 10 -9.96 -3.90 -6.02
CA LEU B 10 -8.63 -4.19 -5.51
C LEU B 10 -8.63 -4.06 -4.00
N GLU B 11 -8.22 -5.11 -3.29
CA GLU B 11 -8.11 -5.03 -1.83
C GLU B 11 -7.11 -3.96 -1.41
N GLY B 12 -5.90 -4.02 -1.94
CA GLY B 12 -4.80 -3.30 -1.35
C GLY B 12 -3.70 -2.92 -2.32
N LEU B 13 -3.26 -1.68 -2.24
CA LEU B 13 -2.16 -1.16 -3.03
C LEU B 13 -1.04 -0.79 -2.06
N HIS B 14 0.19 -1.13 -2.41
CA HIS B 14 1.33 -0.85 -1.57
C HIS B 14 2.44 -0.23 -2.39
N LEU B 15 3.10 0.78 -1.81
CA LEU B 15 4.16 1.51 -2.49
C LEU B 15 5.36 1.65 -1.58
N ALA B 16 6.54 1.45 -2.15
CA ALA B 16 7.81 1.62 -1.45
C ALA B 16 8.75 2.40 -2.35
N GLN B 17 9.39 3.43 -1.81
CA GLN B 17 10.42 4.13 -2.55
C GLN B 17 11.66 4.19 -1.67
N ASP B 18 12.80 3.95 -2.28
CA ASP B 18 14.08 3.95 -1.61
C ASP B 18 15.06 4.68 -2.50
N PRO B 19 15.45 5.90 -2.15
CA PRO B 19 16.35 6.66 -3.03
C PRO B 19 17.79 6.17 -2.96
N ALA B 20 18.19 5.55 -1.84
CA ALA B 20 19.52 4.97 -1.73
C ALA B 20 19.75 3.93 -2.81
N THR B 21 18.77 3.04 -3.01
CA THR B 21 18.88 1.98 -4.01
C THR B 21 18.20 2.31 -5.33
N GLY B 22 17.37 3.35 -5.38
CA GLY B 22 16.61 3.62 -6.59
C GLY B 22 15.32 2.83 -6.73
N LEU B 23 14.89 2.14 -5.69
CA LEU B 23 13.65 1.39 -5.73
C LEU B 23 12.45 2.33 -5.79
N LYS B 24 11.60 2.14 -6.79
CA LYS B 24 10.27 2.74 -6.86
C LYS B 24 9.32 1.61 -7.22
N ALA B 25 8.67 1.00 -6.23
CA ALA B 25 8.02 -0.28 -6.44
C ALA B 25 6.56 -0.23 -6.01
N ILE B 26 5.71 -0.89 -6.79
CA ILE B 26 4.29 -1.01 -6.50
C ILE B 26 3.99 -2.49 -6.35
N ILE B 27 3.17 -2.82 -5.35
CA ILE B 27 2.65 -4.17 -5.19
C ILE B 27 1.15 -4.07 -5.04
N ALA B 28 0.42 -4.65 -5.96
CA ALA B 28 -1.04 -4.59 -5.99
C ALA B 28 -1.59 -5.94 -5.60
N ILE B 29 -2.37 -5.98 -4.54
CA ILE B 29 -2.93 -7.23 -4.06
C ILE B 29 -4.43 -7.16 -4.33
N HIS B 30 -4.84 -7.78 -5.44
CA HIS B 30 -6.24 -7.69 -5.84
C HIS B 30 -7.15 -8.50 -4.93
N SER B 31 -6.82 -9.77 -4.74
CA SER B 31 -7.67 -10.61 -3.91
C SER B 31 -6.81 -11.58 -3.16
N THR B 32 -7.19 -11.86 -1.92
CA THR B 32 -6.54 -12.89 -1.11
C THR B 32 -7.55 -13.87 -0.59
N ARG B 33 -8.69 -13.97 -1.29
CA ARG B 33 -9.77 -14.82 -0.83
C ARG B 33 -9.40 -16.29 -0.90
N LEU B 34 -8.82 -16.74 -2.01
CA LEU B 34 -8.48 -18.15 -2.10
C LEU B 34 -7.13 -18.48 -1.49
N GLY B 35 -6.28 -17.49 -1.20
CA GLY B 35 -4.96 -17.73 -0.66
C GLY B 35 -4.09 -16.51 -0.77
N PRO B 36 -2.84 -16.60 -0.31
CA PRO B 36 -1.89 -15.49 -0.53
C PRO B 36 -1.77 -15.14 -2.01
N ALA B 37 -1.48 -13.87 -2.28
CA ALA B 37 -1.52 -13.33 -3.62
C ALA B 37 -0.22 -13.60 -4.35
N LEU B 38 -0.32 -14.16 -5.55
CA LEU B 38 0.85 -14.59 -6.31
C LEU B 38 0.84 -13.88 -7.65
N GLY B 39 1.99 -13.33 -8.04
CA GLY B 39 2.07 -12.58 -9.29
C GLY B 39 3.47 -12.14 -9.67
N GLY B 40 3.71 -11.99 -10.97
CA GLY B 40 5.03 -11.65 -11.44
C GLY B 40 5.46 -10.23 -11.09
N CYS B 41 6.77 -10.02 -11.12
CA CYS B 41 7.32 -8.70 -10.93
C CYS B 41 7.82 -8.19 -12.26
N ARG B 42 7.22 -7.14 -12.77
CA ARG B 42 7.79 -6.55 -13.96
C ARG B 42 8.61 -5.33 -13.61
N TYR B 43 9.62 -5.08 -14.43
CA TYR B 43 10.64 -4.06 -14.20
C TYR B 43 10.82 -3.35 -15.54
N LEU B 44 10.19 -2.19 -15.69
CA LEU B 44 10.00 -1.57 -16.99
C LEU B 44 10.04 -0.07 -16.85
N PRO B 45 10.44 0.64 -17.90
CA PRO B 45 10.25 2.09 -17.92
C PRO B 45 8.78 2.44 -18.03
N TYR B 46 8.42 3.58 -17.45
CA TYR B 46 7.03 4.03 -17.52
C TYR B 46 6.99 5.54 -17.67
N PRO B 47 6.04 6.06 -18.45
CA PRO B 47 5.99 7.52 -18.66
C PRO B 47 5.69 8.28 -17.40
N ASN B 48 4.86 7.73 -16.52
CA ASN B 48 4.50 8.41 -15.28
C ASN B 48 4.05 7.36 -14.27
N ASP B 49 3.99 7.78 -13.01
CA ASP B 49 3.57 6.87 -11.94
C ASP B 49 2.17 6.34 -12.18
N GLU B 50 1.25 7.21 -12.61
CA GLU B 50 -0.14 6.80 -12.78
C GLU B 50 -0.23 5.67 -13.77
N ALA B 51 0.71 5.61 -14.72
CA ALA B 51 0.73 4.54 -15.70
C ALA B 51 1.17 3.25 -15.05
N ALA B 52 2.27 3.28 -14.28
CA ALA B 52 2.73 2.07 -13.63
C ALA B 52 1.73 1.60 -12.58
N ILE B 53 1.19 2.52 -11.78
CA ILE B 53 0.25 2.11 -10.75
C ILE B 53 -0.95 1.45 -11.39
N GLY B 54 -1.51 2.08 -12.43
CA GLY B 54 -2.69 1.52 -13.08
C GLY B 54 -2.42 0.18 -13.70
N ASP B 55 -1.18 -0.03 -14.17
CA ASP B 55 -0.76 -1.32 -14.70
C ASP B 55 -0.78 -2.38 -13.60
N ALA B 56 -0.15 -2.07 -12.46
CA ALA B 56 -0.13 -3.02 -11.36
C ALA B 56 -1.54 -3.44 -10.99
N ILE B 57 -2.44 -2.47 -10.93
CA ILE B 57 -3.81 -2.76 -10.52
C ILE B 57 -4.46 -3.71 -11.50
N ARG B 58 -4.31 -3.42 -12.78
CA ARG B 58 -5.08 -4.12 -13.79
C ARG B 58 -4.55 -5.53 -13.98
N LEU B 59 -3.23 -5.68 -13.90
CA LEU B 59 -2.66 -7.01 -14.03
C LEU B 59 -2.91 -7.87 -12.79
N ALA B 60 -2.90 -7.27 -11.60
CA ALA B 60 -3.20 -8.07 -10.40
C ALA B 60 -4.62 -8.60 -10.44
N GLN B 61 -5.55 -7.81 -10.99
CA GLN B 61 -6.92 -8.28 -11.18
C GLN B 61 -6.95 -9.50 -12.10
N GLY B 62 -6.31 -9.39 -13.26
CA GLY B 62 -6.25 -10.53 -14.16
C GLY B 62 -5.70 -11.76 -13.49
N MET B 63 -4.70 -11.59 -12.65
CA MET B 63 -4.11 -12.71 -11.96
C MET B 63 -5.09 -13.36 -10.98
N SER B 64 -6.00 -12.57 -10.40
CA SER B 64 -7.00 -13.15 -9.53
C SER B 64 -7.96 -14.02 -10.33
N TYR B 65 -8.37 -13.55 -11.51
CA TYR B 65 -9.21 -14.37 -12.37
C TYR B 65 -8.46 -15.61 -12.80
N LYS B 66 -7.19 -15.46 -13.19
CA LYS B 66 -6.44 -16.61 -13.67
C LYS B 66 -6.26 -17.65 -12.56
N ALA B 67 -5.89 -17.21 -11.35
CA ALA B 67 -5.69 -18.16 -10.26
C ALA B 67 -6.98 -18.84 -9.87
N ALA B 68 -8.10 -18.13 -9.94
CA ALA B 68 -9.37 -18.71 -9.51
C ALA B 68 -9.82 -19.80 -10.48
N LEU B 69 -9.81 -19.50 -11.77
CA LEU B 69 -10.24 -20.50 -12.71
C LEU B 69 -9.29 -21.67 -12.75
N ALA B 70 -8.04 -21.48 -12.32
CA ALA B 70 -7.08 -22.57 -12.30
C ALA B 70 -7.23 -23.44 -11.07
N GLY B 71 -8.17 -23.12 -10.18
CA GLY B 71 -8.43 -23.97 -9.04
C GLY B 71 -7.40 -23.91 -7.95
N LEU B 72 -6.63 -22.83 -7.88
CA LEU B 72 -5.52 -22.72 -6.94
C LEU B 72 -6.00 -22.04 -5.67
N GLU B 73 -5.38 -22.41 -4.56
CA GLU B 73 -5.53 -21.67 -3.30
C GLU B 73 -4.57 -20.47 -3.36
N GLN B 74 -4.88 -19.58 -4.29
CA GLN B 74 -3.98 -18.48 -4.62
C GLN B 74 -4.80 -17.25 -4.89
N GLY B 75 -4.27 -16.10 -4.50
CA GLY B 75 -4.83 -14.82 -4.85
C GLY B 75 -4.06 -14.19 -5.99
N GLY B 76 -4.57 -13.05 -6.44
CA GLY B 76 -3.98 -12.31 -7.54
C GLY B 76 -3.27 -11.09 -7.03
N GLY B 77 -2.01 -10.94 -7.45
CA GLY B 77 -1.21 -9.78 -7.13
C GLY B 77 -0.25 -9.53 -8.28
N LYS B 78 0.33 -8.34 -8.27
CA LYS B 78 1.30 -7.99 -9.30
C LYS B 78 2.22 -6.93 -8.72
N ALA B 79 3.50 -7.04 -8.99
CA ALA B 79 4.45 -5.99 -8.65
C ALA B 79 4.89 -5.28 -9.91
N VAL B 80 4.99 -3.96 -9.83
CA VAL B 80 5.56 -3.13 -10.89
C VAL B 80 6.68 -2.31 -10.26
N ILE B 81 7.86 -2.34 -10.90
CA ILE B 81 9.01 -1.59 -10.43
C ILE B 81 9.41 -0.62 -11.51
N ILE B 82 9.26 0.67 -11.24
CA ILE B 82 9.57 1.68 -12.23
C ILE B 82 11.07 1.67 -12.46
N ARG B 83 11.49 1.40 -13.69
CA ARG B 83 12.91 1.35 -14.03
C ARG B 83 13.49 2.77 -14.01
N PRO B 84 14.52 3.04 -13.22
CA PRO B 84 15.11 4.37 -13.20
C PRO B 84 16.00 4.56 -14.42
N PRO B 85 16.23 5.80 -14.85
CA PRO B 85 17.02 6.00 -16.09
C PRO B 85 18.47 5.59 -15.94
N HIS B 86 19.02 5.65 -14.73
CA HIS B 86 20.42 5.32 -14.51
C HIS B 86 20.52 4.62 -13.16
N LEU B 87 20.95 3.37 -13.18
CA LEU B 87 20.99 2.56 -11.98
C LEU B 87 22.34 1.90 -11.83
N ASP B 88 22.92 2.02 -10.64
CA ASP B 88 23.98 1.13 -10.20
C ASP B 88 23.77 0.91 -8.72
N ASN B 89 23.55 -0.34 -8.29
CA ASN B 89 23.49 -1.51 -9.17
C ASN B 89 22.13 -2.20 -9.17
N ARG B 90 22.00 -3.23 -10.00
CA ARG B 90 20.76 -4.00 -10.04
C ARG B 90 20.53 -4.74 -8.73
N GLY B 91 21.49 -5.56 -8.31
CA GLY B 91 21.25 -6.50 -7.22
C GLY B 91 20.81 -5.83 -5.93
N ALA B 92 21.31 -4.63 -5.66
CA ALA B 92 20.89 -3.95 -4.45
C ALA B 92 19.41 -3.56 -4.52
N LEU B 93 18.97 -3.08 -5.69
CA LEU B 93 17.57 -2.70 -5.85
C LEU B 93 16.65 -3.89 -5.59
N PHE B 94 16.96 -5.04 -6.20
CA PHE B 94 16.10 -6.19 -6.04
C PHE B 94 16.22 -6.82 -4.66
N GLU B 95 17.33 -6.58 -3.98
CA GLU B 95 17.39 -6.97 -2.58
C GLU B 95 16.46 -6.10 -1.74
N ALA B 96 16.40 -4.81 -2.08
CA ALA B 96 15.47 -3.89 -1.43
C ALA B 96 14.02 -4.26 -1.71
N PHE B 97 13.73 -4.60 -2.98
CA PHE B 97 12.41 -5.15 -3.32
C PHE B 97 12.13 -6.40 -2.52
N GLY B 98 13.15 -7.23 -2.33
CA GLY B 98 12.97 -8.42 -1.50
C GLY B 98 12.55 -8.05 -0.10
N ARG B 99 13.09 -6.95 0.42
CA ARG B 99 12.69 -6.50 1.75
C ARG B 99 11.27 -5.98 1.76
N PHE B 100 10.87 -5.31 0.67
CA PHE B 100 9.50 -4.84 0.51
C PHE B 100 8.50 -6.00 0.58
N ILE B 101 8.76 -7.07 -0.18
CA ILE B 101 7.87 -8.23 -0.16
C ILE B 101 7.80 -8.80 1.26
N GLU B 102 8.96 -9.00 1.88
CA GLU B 102 8.96 -9.60 3.21
C GLU B 102 8.11 -8.79 4.18
N SER B 103 8.09 -7.46 4.02
CA SER B 103 7.32 -6.62 4.92
C SER B 103 5.82 -6.90 4.83
N LEU B 104 5.35 -7.61 3.80
CA LEU B 104 3.94 -7.93 3.70
C LEU B 104 3.60 -9.33 4.20
N GLY B 105 4.56 -10.04 4.80
CA GLY B 105 4.25 -11.23 5.56
C GLY B 105 3.74 -12.42 4.76
N GLY B 106 4.15 -12.54 3.51
CA GLY B 106 3.66 -13.66 2.73
C GLY B 106 2.29 -13.47 2.16
N ARG B 107 1.68 -12.30 2.34
CA ARG B 107 0.46 -11.99 1.62
C ARG B 107 0.71 -11.82 0.12
N TYR B 108 1.97 -11.65 -0.30
CA TYR B 108 2.29 -11.52 -1.71
C TYR B 108 3.54 -12.33 -2.04
N ILE B 109 3.45 -13.13 -3.09
CA ILE B 109 4.51 -14.02 -3.54
C ILE B 109 4.86 -13.61 -4.96
N THR B 110 6.14 -13.39 -5.21
CA THR B 110 6.52 -12.83 -6.50
C THR B 110 7.05 -13.91 -7.43
N ALA B 111 7.25 -13.50 -8.67
CA ALA B 111 7.62 -14.41 -9.74
C ALA B 111 8.21 -13.55 -10.84
N VAL B 112 8.70 -14.21 -11.85
CA VAL B 112 9.36 -13.49 -12.92
C VAL B 112 8.32 -12.92 -13.87
N ASP B 113 8.67 -11.85 -14.57
CA ASP B 113 7.78 -11.25 -15.55
C ASP B 113 8.63 -10.38 -16.46
N SER B 114 7.95 -9.70 -17.38
CA SER B 114 8.59 -8.83 -18.34
C SER B 114 9.51 -7.83 -17.65
N GLY B 115 10.80 -7.93 -17.93
CA GLY B 115 11.80 -7.07 -17.32
C GLY B 115 12.65 -7.74 -16.26
N THR B 116 12.18 -8.82 -15.66
CA THR B 116 12.93 -9.47 -14.59
C THR B 116 13.32 -10.87 -15.03
N SER B 117 14.31 -11.44 -14.35
CA SER B 117 14.83 -12.75 -14.68
C SER B 117 15.03 -13.55 -13.40
N SER B 118 15.28 -14.86 -13.57
CA SER B 118 15.57 -15.71 -12.43
C SER B 118 16.73 -15.18 -11.61
N ALA B 119 17.64 -14.46 -12.26
CA ALA B 119 18.76 -13.85 -11.55
C ALA B 119 18.27 -12.81 -10.55
N ASP B 120 17.36 -11.93 -10.99
CA ASP B 120 16.76 -10.98 -10.06
C ASP B 120 15.98 -11.70 -8.95
N MET B 121 15.30 -12.82 -9.29
CA MET B 121 14.65 -13.60 -8.25
C MET B 121 15.65 -14.12 -7.25
N ASP B 122 16.86 -14.47 -7.70
CA ASP B 122 17.90 -14.92 -6.79
C ASP B 122 18.25 -13.85 -5.76
N CYS B 123 18.30 -12.58 -6.17
CA CYS B 123 18.60 -11.52 -5.22
C CYS B 123 17.42 -11.28 -4.26
N ILE B 124 16.19 -11.30 -4.79
CA ILE B 124 15.02 -11.23 -3.92
C ILE B 124 15.07 -12.34 -2.88
N ALA B 125 15.58 -13.51 -3.28
CA ALA B 125 15.56 -14.68 -2.41
C ALA B 125 16.42 -14.50 -1.18
N GLN B 126 17.35 -13.54 -1.20
CA GLN B 126 18.16 -13.28 -0.02
C GLN B 126 17.37 -12.62 1.10
N GLN B 127 16.29 -11.93 0.78
CA GLN B 127 15.60 -11.20 1.82
C GLN B 127 14.21 -11.73 2.13
N THR B 128 13.69 -12.66 1.35
CA THR B 128 12.38 -13.20 1.69
C THR B 128 12.23 -14.60 1.10
N ARG B 129 11.37 -15.38 1.73
CA ARG B 129 11.02 -16.67 1.16
C ARG B 129 9.84 -16.58 0.21
N HIS B 130 9.16 -15.43 0.14
CA HIS B 130 7.95 -15.32 -0.67
C HIS B 130 8.33 -14.93 -2.11
N VAL B 131 9.12 -15.81 -2.74
CA VAL B 131 9.61 -15.61 -4.09
C VAL B 131 9.63 -16.95 -4.79
N THR B 132 9.33 -16.96 -6.08
CA THR B 132 9.37 -18.14 -6.92
C THR B 132 10.25 -17.87 -8.14
N SER B 133 10.34 -18.90 -8.98
CA SER B 133 11.01 -18.83 -10.27
C SER B 133 12.47 -18.38 -10.14
N THR B 134 13.17 -18.88 -9.12
CA THR B 134 14.61 -18.67 -9.00
C THR B 134 15.36 -19.51 -10.04
N THR B 135 16.69 -19.40 -10.03
CA THR B 135 17.48 -20.20 -10.96
C THR B 135 17.38 -21.69 -10.62
N GLN B 136 17.43 -22.04 -9.34
CA GLN B 136 17.38 -23.43 -8.92
C GLN B 136 16.04 -24.11 -9.20
N ALA B 137 15.02 -23.38 -9.63
CA ALA B 137 13.69 -23.93 -9.78
C ALA B 137 13.46 -24.38 -11.23
N GLY B 138 12.63 -25.40 -11.38
CA GLY B 138 12.45 -26.00 -12.69
C GLY B 138 11.73 -25.08 -13.65
N ASP B 139 12.18 -25.10 -14.91
CA ASP B 139 11.49 -24.35 -15.95
C ASP B 139 10.00 -24.69 -15.95
N PRO B 140 9.12 -23.70 -16.07
CA PRO B 140 7.69 -23.98 -16.16
C PRO B 140 7.16 -24.11 -17.58
N SER B 141 7.96 -23.79 -18.61
CA SER B 141 7.49 -23.90 -19.99
C SER B 141 6.91 -25.27 -20.34
N PRO B 142 7.55 -26.40 -20.00
CA PRO B 142 6.93 -27.70 -20.32
C PRO B 142 5.52 -27.84 -19.81
N HIS B 143 5.26 -27.34 -18.61
CA HIS B 143 3.93 -27.53 -18.02
C HIS B 143 2.89 -26.68 -18.74
N THR B 144 3.24 -25.43 -19.04
CA THR B 144 2.38 -24.61 -19.88
C THR B 144 2.01 -25.37 -21.15
N ALA B 145 3.01 -25.93 -21.83
CA ALA B 145 2.73 -26.59 -23.10
C ALA B 145 1.84 -27.80 -22.90
N LEU B 146 2.09 -28.56 -21.83
CA LEU B 146 1.25 -29.71 -21.54
C LEU B 146 -0.18 -29.31 -21.24
N GLY B 147 -0.35 -28.23 -20.47
CA GLY B 147 -1.68 -27.74 -20.17
C GLY B 147 -2.40 -27.23 -21.40
N VAL B 148 -1.66 -26.55 -22.30
CA VAL B 148 -2.25 -26.11 -23.57
C VAL B 148 -2.62 -27.31 -24.43
N PHE B 149 -1.79 -28.36 -24.41
CA PHE B 149 -2.15 -29.59 -25.12
C PHE B 149 -3.48 -30.15 -24.62
N ALA B 150 -3.57 -30.40 -23.31
CA ALA B 150 -4.83 -30.87 -22.76
C ALA B 150 -5.97 -29.92 -23.11
N GLY B 151 -5.69 -28.62 -23.08
CA GLY B 151 -6.72 -27.66 -23.43
C GLY B 151 -7.17 -27.82 -24.86
N ILE B 152 -6.22 -28.07 -25.77
CA ILE B 152 -6.58 -28.27 -27.17
C ILE B 152 -7.43 -29.51 -27.34
N ARG B 153 -7.08 -30.59 -26.63
CA ARG B 153 -7.90 -31.80 -26.69
C ARG B 153 -9.34 -31.51 -26.26
N ALA B 154 -9.51 -30.66 -25.24
CA ALA B 154 -10.86 -30.34 -24.80
C ALA B 154 -11.57 -29.38 -25.74
N SER B 155 -10.84 -28.61 -26.54
CA SER B 155 -11.49 -27.78 -27.54
C SER B 155 -11.89 -28.61 -28.75
N ALA B 156 -11.08 -29.59 -29.13
CA ALA B 156 -11.49 -30.53 -30.17
C ALA B 156 -12.81 -31.21 -29.82
N GLN B 157 -12.91 -31.75 -28.61
CA GLN B 157 -14.14 -32.43 -28.25
C GLN B 157 -15.32 -31.49 -28.37
N ALA B 158 -15.24 -30.33 -27.71
CA ALA B 158 -16.36 -29.40 -27.72
C ALA B 158 -16.70 -28.92 -29.12
N ARG B 159 -15.69 -28.72 -29.95
CA ARG B 159 -15.93 -28.13 -31.27
C ARG B 159 -16.15 -29.19 -32.34
N LEU B 160 -15.52 -30.37 -32.21
CA LEU B 160 -15.49 -31.36 -33.27
C LEU B 160 -15.97 -32.75 -32.86
N GLY B 161 -16.50 -32.94 -31.66
CA GLY B 161 -17.15 -34.17 -31.30
C GLY B 161 -16.31 -35.13 -30.48
N SER B 162 -14.99 -35.08 -30.60
CA SER B 162 -14.15 -35.95 -29.78
C SER B 162 -12.79 -35.32 -29.55
N ASP B 163 -12.11 -35.79 -28.50
CA ASP B 163 -10.79 -35.31 -28.12
C ASP B 163 -9.66 -36.00 -28.87
N ASP B 164 -9.95 -36.68 -29.98
CA ASP B 164 -8.93 -37.38 -30.75
C ASP B 164 -8.28 -36.37 -31.70
N LEU B 165 -7.02 -36.07 -31.48
CA LEU B 165 -6.30 -35.18 -32.37
C LEU B 165 -5.67 -35.90 -33.55
N GLU B 166 -5.69 -37.24 -33.55
CA GLU B 166 -5.11 -38.02 -34.65
C GLU B 166 -5.68 -37.58 -35.98
N GLY B 167 -4.82 -37.07 -36.86
CA GLY B 167 -5.25 -36.61 -38.15
C GLY B 167 -5.88 -35.23 -38.20
N LEU B 168 -5.91 -34.50 -37.08
CA LEU B 168 -6.37 -33.12 -37.12
C LEU B 168 -5.25 -32.22 -37.63
N ARG B 169 -5.64 -31.15 -38.32
CA ARG B 169 -4.71 -30.12 -38.77
C ARG B 169 -4.64 -29.02 -37.71
N VAL B 170 -3.53 -28.97 -36.98
CA VAL B 170 -3.30 -27.96 -35.96
C VAL B 170 -2.13 -27.09 -36.38
N ALA B 171 -2.37 -25.80 -36.52
CA ALA B 171 -1.32 -24.85 -36.79
C ALA B 171 -0.88 -24.19 -35.49
N VAL B 172 0.43 -24.22 -35.24
CA VAL B 172 1.04 -23.59 -34.07
C VAL B 172 1.77 -22.35 -34.56
N GLN B 173 1.42 -21.18 -34.00
CA GLN B 173 2.00 -19.91 -34.43
C GLN B 173 2.97 -19.40 -33.36
N GLY B 174 4.23 -19.80 -33.48
CA GLY B 174 5.26 -19.44 -32.51
C GLY B 174 5.83 -20.74 -32.01
N LEU B 175 7.16 -20.88 -32.09
CA LEU B 175 7.81 -22.14 -31.76
C LEU B 175 8.84 -21.95 -30.64
N GLY B 176 8.60 -20.99 -29.75
CA GLY B 176 9.45 -20.77 -28.59
C GLY B 176 9.42 -21.95 -27.64
N HIS B 177 9.90 -21.77 -26.40
CA HIS B 177 9.95 -22.90 -25.45
C HIS B 177 8.60 -23.58 -25.35
N VAL B 178 7.55 -22.79 -25.14
CA VAL B 178 6.21 -23.37 -25.05
C VAL B 178 5.75 -23.85 -26.42
N GLY B 179 5.80 -22.98 -27.42
CA GLY B 179 5.43 -23.34 -28.77
C GLY B 179 5.92 -24.69 -29.25
N TYR B 180 7.25 -24.91 -29.22
CA TYR B 180 7.78 -26.16 -29.75
C TYR B 180 7.32 -27.35 -28.92
N ALA B 181 7.26 -27.18 -27.60
CA ALA B 181 6.89 -28.33 -26.77
C ALA B 181 5.46 -28.74 -27.04
N LEU B 182 4.59 -27.77 -27.29
CA LEU B 182 3.25 -28.10 -27.75
C LEU B 182 3.28 -28.81 -29.09
N ALA B 183 4.08 -28.29 -30.04
CA ALA B 183 4.21 -28.99 -31.32
C ALA B 183 4.70 -30.43 -31.14
N GLU B 184 5.69 -30.63 -30.27
CA GLU B 184 6.18 -31.99 -30.04
C GLU B 184 5.08 -32.87 -29.47
N GLN B 185 4.29 -32.32 -28.55
CA GLN B 185 3.20 -33.10 -27.96
C GLN B 185 2.14 -33.46 -29.00
N LEU B 186 2.01 -32.63 -30.04
CA LEU B 186 0.95 -32.81 -31.01
C LEU B 186 1.31 -33.86 -32.05
N ALA B 187 2.52 -33.76 -32.62
CA ALA B 187 3.02 -34.78 -33.52
C ALA B 187 2.84 -36.18 -32.92
N ALA B 188 3.17 -36.33 -31.64
CA ALA B 188 3.06 -37.64 -31.01
C ALA B 188 1.62 -38.10 -30.89
N VAL B 189 0.67 -37.17 -30.74
CA VAL B 189 -0.74 -37.55 -30.76
C VAL B 189 -1.13 -38.12 -32.11
N GLY B 190 -0.38 -37.80 -33.16
CA GLY B 190 -0.72 -38.19 -34.51
C GLY B 190 -1.49 -37.15 -35.29
N ALA B 191 -1.24 -35.88 -35.07
CA ALA B 191 -1.97 -34.82 -35.77
C ALA B 191 -1.13 -34.26 -36.91
N GLU B 192 -1.81 -33.75 -37.93
CA GLU B 192 -1.15 -33.01 -39.00
C GLU B 192 -0.76 -31.64 -38.49
N LEU B 193 0.52 -31.34 -38.47
CA LEU B 193 1.05 -30.25 -37.68
C LEU B 193 1.63 -29.18 -38.62
N LEU B 194 0.90 -28.08 -38.80
CA LEU B 194 1.39 -26.91 -39.52
C LEU B 194 2.08 -25.95 -38.55
N VAL B 195 3.16 -25.28 -39.01
CA VAL B 195 3.94 -24.39 -38.16
C VAL B 195 4.36 -23.11 -38.87
N CYS B 196 4.63 -22.09 -38.06
CA CYS B 196 5.29 -20.85 -38.44
C CYS B 196 6.02 -20.32 -37.22
N ASP B 197 6.93 -19.37 -37.44
CA ASP B 197 7.82 -18.82 -36.41
C ASP B 197 8.73 -17.81 -37.10
N LEU B 198 9.25 -16.86 -36.31
CA LEU B 198 10.17 -15.86 -36.87
C LEU B 198 11.55 -16.43 -37.20
N ASP B 199 12.02 -17.45 -36.44
CA ASP B 199 13.32 -18.05 -36.78
C ASP B 199 13.13 -19.24 -37.72
N PRO B 200 13.84 -19.26 -38.85
CA PRO B 200 13.64 -20.36 -39.82
C PRO B 200 14.14 -21.72 -39.34
N GLY B 201 15.29 -21.77 -38.68
CA GLY B 201 15.76 -23.04 -38.15
C GLY B 201 14.78 -23.68 -37.18
N ARG B 202 14.03 -22.85 -36.45
CA ARG B 202 12.93 -23.36 -35.63
C ARG B 202 11.99 -24.22 -36.46
N VAL B 203 11.69 -23.77 -37.68
CA VAL B 203 10.76 -24.49 -38.54
C VAL B 203 11.35 -25.82 -39.01
N GLN B 204 12.52 -25.76 -39.68
CA GLN B 204 13.14 -26.99 -40.18
C GLN B 204 13.47 -27.94 -39.04
N LEU B 205 13.66 -27.43 -37.82
CA LEU B 205 13.75 -28.29 -36.66
C LEU B 205 12.47 -29.11 -36.49
N ALA B 206 11.33 -28.43 -36.39
CA ALA B 206 10.06 -29.13 -36.25
C ALA B 206 9.72 -29.91 -37.50
N VAL B 207 10.06 -29.36 -38.66
CA VAL B 207 9.92 -30.12 -39.90
C VAL B 207 10.72 -31.39 -39.81
N GLU B 208 12.01 -31.27 -39.45
CA GLU B 208 12.86 -32.45 -39.33
C GLU B 208 12.40 -33.35 -38.19
N GLN B 209 12.26 -32.79 -36.98
CA GLN B 209 12.07 -33.61 -35.79
C GLN B 209 10.63 -34.05 -35.57
N LEU B 210 9.64 -33.50 -36.27
CA LEU B 210 8.24 -33.78 -35.95
C LEU B 210 7.37 -34.14 -37.15
N GLY B 211 7.83 -33.93 -38.38
CA GLY B 211 6.95 -34.08 -39.52
C GLY B 211 6.10 -32.86 -39.81
N ALA B 212 6.52 -31.69 -39.34
CA ALA B 212 5.75 -30.47 -39.50
C ALA B 212 5.82 -29.96 -40.93
N HIS B 213 4.77 -29.25 -41.34
CA HIS B 213 4.76 -28.54 -42.61
C HIS B 213 5.21 -27.12 -42.38
N PRO B 214 6.28 -26.65 -43.02
CA PRO B 214 6.68 -25.26 -42.86
C PRO B 214 5.62 -24.35 -43.46
N LEU B 215 5.25 -23.29 -42.73
CA LEU B 215 4.30 -22.32 -43.24
C LEU B 215 4.86 -20.91 -43.09
N ALA B 216 4.50 -20.06 -44.03
CA ALA B 216 5.00 -18.69 -44.01
C ALA B 216 4.46 -17.94 -42.80
N PRO B 217 5.30 -17.19 -42.09
CA PRO B 217 4.82 -16.53 -40.87
C PRO B 217 3.62 -15.63 -41.09
N GLU B 218 3.57 -14.90 -42.20
CA GLU B 218 2.55 -13.89 -42.38
C GLU B 218 1.23 -14.44 -42.92
N ALA B 219 1.16 -15.71 -43.31
CA ALA B 219 -0.07 -16.29 -43.83
C ALA B 219 -0.57 -17.47 -43.00
N LEU B 220 0.03 -17.73 -41.83
CA LEU B 220 -0.39 -18.87 -41.01
C LEU B 220 -1.80 -18.66 -40.47
N LEU B 221 -2.12 -17.43 -40.07
CA LEU B 221 -3.42 -17.13 -39.44
C LEU B 221 -4.56 -17.19 -40.38
N SER B 222 -4.37 -17.62 -41.62
CA SER B 222 -5.49 -17.72 -42.54
C SER B 222 -5.48 -19.04 -43.32
N THR B 223 -4.67 -20.00 -42.90
CA THR B 223 -4.52 -21.27 -43.60
C THR B 223 -5.61 -22.24 -43.16
N PRO B 224 -6.23 -22.96 -44.08
CA PRO B 224 -7.24 -23.94 -43.67
C PRO B 224 -6.71 -24.90 -42.62
N CYS B 225 -7.33 -24.95 -41.45
CA CYS B 225 -6.91 -25.88 -40.41
C CYS B 225 -8.08 -26.12 -39.46
N ASP B 226 -7.94 -27.12 -38.61
CA ASP B 226 -8.99 -27.40 -37.64
C ASP B 226 -8.82 -26.58 -36.36
N ILE B 227 -7.57 -26.38 -35.91
CA ILE B 227 -7.31 -25.66 -34.66
C ILE B 227 -6.10 -24.77 -34.87
N LEU B 228 -6.24 -23.50 -34.52
CA LEU B 228 -5.16 -22.54 -34.53
C LEU B 228 -4.68 -22.35 -33.09
N ALA B 229 -3.36 -22.42 -32.89
CA ALA B 229 -2.74 -22.33 -31.56
C ALA B 229 -1.75 -21.18 -31.50
N PRO B 230 -2.19 -20.00 -31.20
CA PRO B 230 -1.25 -18.88 -31.05
C PRO B 230 -0.36 -19.05 -29.82
N CYS B 231 0.94 -19.19 -30.06
CA CYS B 231 1.90 -19.19 -28.96
C CYS B 231 3.01 -18.19 -29.26
N GLY B 232 2.62 -17.00 -29.69
CA GLY B 232 3.61 -15.96 -29.86
C GLY B 232 3.25 -14.69 -29.13
N LEU B 233 3.19 -13.60 -29.89
CA LEU B 233 2.86 -12.31 -29.32
C LEU B 233 1.37 -12.25 -29.03
N GLY B 234 1.00 -11.35 -28.11
CA GLY B 234 -0.39 -11.12 -27.81
C GLY B 234 -1.05 -10.29 -28.87
N GLY B 235 -2.38 -10.27 -28.85
CA GLY B 235 -3.09 -9.42 -29.77
C GLY B 235 -3.14 -9.95 -31.17
N VAL B 236 -2.83 -11.23 -31.37
CA VAL B 236 -2.99 -11.81 -32.69
C VAL B 236 -4.44 -11.91 -33.11
N LEU B 237 -5.39 -11.74 -32.18
CA LEU B 237 -6.80 -11.83 -32.51
C LEU B 237 -7.37 -10.42 -32.57
N THR B 238 -7.53 -9.93 -33.80
CA THR B 238 -8.11 -8.64 -34.08
C THR B 238 -9.35 -8.82 -34.94
N SER B 239 -10.17 -7.78 -34.97
CA SER B 239 -11.35 -7.80 -35.84
C SER B 239 -10.96 -8.16 -37.27
N GLN B 240 -9.82 -7.69 -37.75
CA GLN B 240 -9.38 -8.03 -39.10
C GLN B 240 -8.96 -9.49 -39.20
N SER B 241 -8.06 -9.93 -38.32
CA SER B 241 -7.53 -11.30 -38.43
C SER B 241 -8.64 -12.33 -38.23
N VAL B 242 -9.59 -12.05 -37.35
CA VAL B 242 -10.71 -12.97 -37.13
C VAL B 242 -11.52 -13.12 -38.40
N SER B 243 -11.66 -12.04 -39.17
CA SER B 243 -12.37 -12.11 -40.43
C SER B 243 -11.70 -13.07 -41.40
N GLN B 244 -10.38 -13.22 -41.32
CA GLN B 244 -9.64 -13.99 -42.29
C GLN B 244 -9.39 -15.42 -41.85
N LEU B 245 -9.76 -15.77 -40.62
CA LEU B 245 -9.47 -17.09 -40.10
C LEU B 245 -10.15 -18.16 -40.93
N ARG B 246 -9.55 -19.35 -40.94
CA ARG B 246 -10.08 -20.49 -41.65
C ARG B 246 -9.99 -21.73 -40.78
N CYS B 247 -10.15 -21.57 -39.47
CA CYS B 247 -10.09 -22.68 -38.53
C CYS B 247 -11.43 -22.81 -37.81
N ALA B 248 -11.58 -23.92 -37.08
CA ALA B 248 -12.79 -24.14 -36.31
C ALA B 248 -12.66 -23.74 -34.84
N ALA B 249 -11.45 -23.81 -34.28
CA ALA B 249 -11.25 -23.35 -32.91
C ALA B 249 -9.93 -22.62 -32.82
N VAL B 250 -9.78 -21.86 -31.75
CA VAL B 250 -8.52 -21.18 -31.43
C VAL B 250 -8.16 -21.56 -30.01
N ALA B 251 -6.96 -22.12 -29.82
CA ALA B 251 -6.57 -22.63 -28.51
C ALA B 251 -5.04 -22.71 -28.48
N GLY B 252 -4.41 -21.73 -27.86
CA GLY B 252 -2.96 -21.67 -27.81
C GLY B 252 -2.45 -21.09 -26.51
N ALA B 253 -1.13 -20.86 -26.42
CA ALA B 253 -0.50 -20.56 -25.14
C ALA B 253 -0.30 -19.08 -24.90
N ALA B 254 -0.37 -18.27 -25.96
CA ALA B 254 -0.03 -16.86 -25.88
C ALA B 254 -0.87 -16.13 -24.84
N ASN B 255 -0.27 -15.21 -24.12
CA ASN B 255 -1.03 -14.32 -23.26
C ASN B 255 -1.66 -13.20 -24.09
N ASN B 256 -2.73 -12.63 -23.55
CA ASN B 256 -3.42 -11.49 -24.16
C ASN B 256 -3.68 -11.70 -25.64
N GLN B 257 -4.33 -12.81 -25.98
CA GLN B 257 -4.59 -13.11 -27.38
C GLN B 257 -5.59 -12.15 -27.98
N LEU B 258 -6.63 -11.79 -27.22
CA LEU B 258 -7.71 -10.93 -27.68
C LEU B 258 -7.23 -9.48 -27.67
N GLU B 259 -7.24 -8.84 -28.84
CA GLU B 259 -6.81 -7.44 -28.90
C GLU B 259 -7.73 -6.52 -28.11
N ARG B 260 -9.04 -6.80 -28.13
CA ARG B 260 -9.97 -6.24 -27.15
C ARG B 260 -11.21 -7.14 -27.09
N PRO B 261 -11.92 -7.14 -25.96
CA PRO B 261 -13.02 -8.11 -25.73
C PRO B 261 -14.08 -8.33 -26.81
N GLU B 262 -14.34 -7.36 -27.69
CA GLU B 262 -15.25 -7.63 -28.79
C GLU B 262 -14.79 -8.80 -29.63
N VAL B 263 -13.47 -8.99 -29.77
CA VAL B 263 -13.01 -10.07 -30.64
C VAL B 263 -13.63 -11.38 -30.20
N ALA B 264 -13.83 -11.55 -28.89
CA ALA B 264 -14.46 -12.77 -28.39
C ALA B 264 -15.82 -12.98 -29.04
N ASP B 265 -16.59 -11.90 -29.18
CA ASP B 265 -17.91 -12.01 -29.77
C ASP B 265 -17.85 -12.16 -31.29
N GLU B 266 -16.89 -11.53 -31.94
CA GLU B 266 -16.75 -11.75 -33.38
C GLU B 266 -16.35 -13.19 -33.66
N LEU B 267 -15.53 -13.79 -32.79
CA LEU B 267 -15.22 -15.21 -32.94
C LEU B 267 -16.45 -16.08 -32.71
N GLU B 268 -17.27 -15.75 -31.70
CA GLU B 268 -18.52 -16.47 -31.52
C GLU B 268 -19.42 -16.34 -32.73
N ALA B 269 -19.48 -15.14 -33.33
CA ALA B 269 -20.32 -14.91 -34.50
C ALA B 269 -19.87 -15.78 -35.66
N ARG B 270 -18.57 -15.98 -35.81
CA ARG B 270 -18.10 -16.82 -36.90
C ARG B 270 -18.21 -18.31 -36.59
N GLY B 271 -18.64 -18.68 -35.38
CA GLY B 271 -18.69 -20.09 -35.05
C GLY B 271 -17.34 -20.71 -34.75
N ILE B 272 -16.32 -19.90 -34.50
CA ILE B 272 -15.00 -20.38 -34.11
C ILE B 272 -14.94 -20.44 -32.60
N LEU B 273 -14.71 -21.63 -32.05
CA LEU B 273 -14.59 -21.74 -30.61
C LEU B 273 -13.27 -21.11 -30.16
N TYR B 274 -13.30 -20.36 -29.05
CA TYR B 274 -12.13 -19.66 -28.55
C TYR B 274 -11.83 -20.15 -27.15
N ALA B 275 -10.63 -20.67 -26.93
CA ALA B 275 -10.24 -21.10 -25.60
C ALA B 275 -9.67 -19.90 -24.83
N PRO B 276 -10.30 -19.45 -23.76
CA PRO B 276 -9.79 -18.26 -23.06
C PRO B 276 -8.33 -18.40 -22.65
N ASP B 277 -7.50 -17.50 -23.17
CA ASP B 277 -6.06 -17.69 -23.08
C ASP B 277 -5.60 -17.93 -21.65
N TYR B 278 -6.12 -17.12 -20.71
CA TYR B 278 -5.61 -17.22 -19.36
C TYR B 278 -6.09 -18.46 -18.65
N VAL B 279 -7.02 -19.20 -19.26
CA VAL B 279 -7.45 -20.49 -18.74
C VAL B 279 -6.63 -21.61 -19.33
N ILE B 280 -6.40 -21.55 -20.64
CA ILE B 280 -5.72 -22.68 -21.27
C ILE B 280 -4.23 -22.67 -20.94
N ASN B 281 -3.62 -21.50 -20.71
CA ASN B 281 -2.18 -21.43 -20.51
C ASN B 281 -1.78 -21.38 -19.05
N SER B 282 -2.66 -21.86 -18.15
CA SER B 282 -2.45 -21.75 -16.71
C SER B 282 -1.41 -22.73 -16.18
N GLY B 283 -0.88 -23.62 -17.04
CA GLY B 283 -0.07 -24.73 -16.54
C GLY B 283 1.24 -24.31 -15.89
N GLY B 284 1.91 -23.29 -16.45
CA GLY B 284 3.06 -22.75 -15.77
C GLY B 284 2.68 -22.26 -14.37
N LEU B 285 1.53 -21.60 -14.26
CA LEU B 285 1.10 -21.04 -12.98
C LEU B 285 0.78 -22.14 -11.98
N ILE B 286 0.01 -23.14 -12.40
CA ILE B 286 -0.33 -24.24 -11.51
C ILE B 286 0.93 -24.90 -10.97
N TYR B 287 1.92 -25.12 -11.84
CA TYR B 287 3.14 -25.81 -11.42
C TYR B 287 3.90 -25.00 -10.39
N VAL B 288 4.16 -23.72 -10.70
CA VAL B 288 4.89 -22.85 -9.79
C VAL B 288 4.12 -22.70 -8.47
N ALA B 289 2.82 -22.42 -8.52
CA ALA B 289 2.06 -22.30 -7.28
C ALA B 289 2.21 -23.55 -6.43
N LEU B 290 2.03 -24.74 -7.02
CA LEU B 290 2.06 -25.96 -6.23
C LEU B 290 3.48 -26.32 -5.77
N LYS B 291 4.49 -26.10 -6.61
CA LYS B 291 5.86 -26.40 -6.17
C LYS B 291 6.21 -25.57 -4.95
N HIS B 292 5.90 -24.28 -4.97
CA HIS B 292 6.18 -23.39 -3.85
C HIS B 292 5.60 -23.94 -2.55
N ARG B 293 4.41 -24.50 -2.61
CA ARG B 293 3.81 -25.11 -1.43
C ARG B 293 4.29 -26.54 -1.22
N GLY B 294 5.23 -27.01 -2.05
CA GLY B 294 5.86 -28.29 -1.84
C GLY B 294 5.05 -29.52 -2.18
N ALA B 295 4.39 -29.55 -3.33
CA ALA B 295 3.46 -30.63 -3.62
C ALA B 295 4.13 -31.80 -4.35
N ASP B 296 3.57 -33.01 -4.13
CA ASP B 296 4.03 -34.25 -4.78
C ASP B 296 3.72 -34.18 -6.29
N PRO B 297 4.51 -34.87 -7.12
CA PRO B 297 4.22 -34.82 -8.57
C PRO B 297 2.83 -35.31 -8.92
N HIS B 298 2.26 -36.21 -8.13
CA HIS B 298 0.88 -36.62 -8.35
C HIS B 298 -0.04 -35.40 -8.24
N SER B 299 0.09 -34.66 -7.13
CA SER B 299 -0.76 -33.50 -6.91
C SER B 299 -0.63 -32.48 -8.03
N ILE B 300 0.56 -32.30 -8.61
CA ILE B 300 0.66 -31.42 -9.78
C ILE B 300 -0.16 -31.97 -10.96
N THR B 301 -0.12 -33.28 -11.23
CA THR B 301 -0.85 -33.81 -12.38
C THR B 301 -2.35 -33.62 -12.20
N ALA B 302 -2.85 -34.02 -11.03
CA ALA B 302 -4.27 -33.85 -10.71
C ALA B 302 -4.70 -32.40 -10.85
N HIS B 303 -3.92 -31.47 -10.29
CA HIS B 303 -4.26 -30.06 -10.40
C HIS B 303 -4.16 -29.58 -11.83
N LEU B 304 -3.18 -30.09 -12.59
CA LEU B 304 -3.09 -29.74 -14.00
C LEU B 304 -4.35 -30.14 -14.76
N ALA B 305 -5.09 -31.14 -14.26
CA ALA B 305 -6.32 -31.54 -14.92
C ALA B 305 -7.38 -30.43 -14.89
N ARG B 306 -7.20 -29.41 -14.05
CA ARG B 306 -8.17 -28.32 -13.97
C ARG B 306 -8.31 -27.60 -15.30
N ILE B 307 -7.25 -27.58 -16.12
CA ILE B 307 -7.33 -26.84 -17.39
C ILE B 307 -8.36 -27.52 -18.29
N PRO B 308 -8.24 -28.81 -18.60
CA PRO B 308 -9.28 -29.42 -19.43
C PRO B 308 -10.64 -29.44 -18.75
N ALA B 309 -10.67 -29.71 -17.44
CA ALA B 309 -11.95 -29.72 -16.74
C ALA B 309 -12.63 -28.36 -16.84
N ARG B 310 -11.91 -27.29 -16.52
CA ARG B 310 -12.52 -25.97 -16.55
C ARG B 310 -12.90 -25.57 -17.97
N LEU B 311 -12.05 -25.87 -18.95
CA LEU B 311 -12.41 -25.52 -20.32
C LEU B 311 -13.69 -26.22 -20.73
N THR B 312 -13.84 -27.49 -20.34
CA THR B 312 -15.04 -28.25 -20.65
C THR B 312 -16.25 -27.65 -19.95
N GLU B 313 -16.09 -27.25 -18.69
CA GLU B 313 -17.16 -26.58 -17.97
C GLU B 313 -17.55 -25.29 -18.68
N ILE B 314 -16.55 -24.51 -19.11
CA ILE B 314 -16.83 -23.25 -19.77
C ILE B 314 -17.52 -23.49 -21.11
N TYR B 315 -17.03 -24.45 -21.88
CA TYR B 315 -17.68 -24.75 -23.15
C TYR B 315 -19.12 -25.18 -22.96
N ALA B 316 -19.44 -25.86 -21.86
CA ALA B 316 -20.81 -26.34 -21.67
C ALA B 316 -21.75 -25.20 -21.33
N HIS B 317 -21.35 -24.32 -20.41
CA HIS B 317 -22.17 -23.16 -20.10
C HIS B 317 -22.26 -22.22 -21.27
N ALA B 318 -21.17 -22.08 -22.03
CA ALA B 318 -21.20 -21.23 -23.21
C ALA B 318 -22.26 -21.70 -24.19
N GLN B 319 -22.30 -23.00 -24.48
CA GLN B 319 -23.36 -23.57 -25.30
C GLN B 319 -24.74 -23.32 -24.69
N ALA B 320 -24.93 -23.78 -23.45
CA ALA B 320 -26.24 -23.65 -22.81
C ALA B 320 -26.70 -22.20 -22.80
N ASP B 321 -25.82 -21.26 -22.48
CA ASP B 321 -26.18 -19.84 -22.38
C ASP B 321 -26.13 -19.11 -23.70
N HIS B 322 -25.65 -19.75 -24.76
CA HIS B 322 -25.39 -19.09 -26.04
C HIS B 322 -24.54 -17.82 -25.85
N GLN B 323 -23.35 -18.02 -25.28
CA GLN B 323 -22.45 -16.92 -25.00
C GLN B 323 -21.03 -17.33 -25.34
N SER B 324 -20.17 -16.34 -25.51
CA SER B 324 -18.77 -16.62 -25.74
C SER B 324 -18.18 -17.35 -24.53
N PRO B 325 -17.21 -18.23 -24.76
CA PRO B 325 -16.48 -18.80 -23.61
C PRO B 325 -15.72 -17.73 -22.82
N ALA B 326 -15.27 -16.66 -23.48
CA ALA B 326 -14.58 -15.60 -22.75
C ALA B 326 -15.50 -14.97 -21.71
N ARG B 327 -16.80 -14.81 -22.04
CA ARG B 327 -17.75 -14.23 -21.11
C ARG B 327 -18.09 -15.19 -19.99
N ILE B 328 -18.33 -16.46 -20.33
CA ILE B 328 -18.57 -17.46 -19.30
C ILE B 328 -17.43 -17.45 -18.29
N ALA B 329 -16.18 -17.55 -18.78
CA ALA B 329 -15.01 -17.57 -17.89
C ALA B 329 -15.04 -16.41 -16.90
N ASP B 330 -15.19 -15.18 -17.41
CA ASP B 330 -15.16 -14.02 -16.51
C ASP B 330 -16.23 -14.12 -15.45
N ARG B 331 -17.42 -14.62 -15.81
CA ARG B 331 -18.50 -14.71 -14.83
C ARG B 331 -18.26 -15.84 -13.84
N LEU B 332 -17.65 -16.93 -14.27
CA LEU B 332 -17.30 -17.94 -13.29
C LEU B 332 -16.29 -17.37 -12.31
N ALA B 333 -15.22 -16.76 -12.83
CA ALA B 333 -14.22 -16.14 -11.99
C ALA B 333 -14.85 -15.19 -11.00
N GLU B 334 -15.71 -14.29 -11.50
CA GLU B 334 -16.41 -13.35 -10.63
C GLU B 334 -17.24 -14.09 -9.59
N ARG B 335 -17.93 -15.16 -9.98
CA ARG B 335 -18.64 -15.95 -8.99
C ARG B 335 -17.68 -16.41 -7.89
N ILE B 336 -16.55 -16.99 -8.27
CA ILE B 336 -15.62 -17.48 -7.27
C ILE B 336 -15.04 -16.33 -6.44
N LEU B 337 -14.69 -15.22 -7.10
CA LEU B 337 -13.98 -14.16 -6.38
C LEU B 337 -14.90 -13.32 -5.49
N TYR B 338 -16.00 -12.83 -6.04
CA TYR B 338 -16.84 -11.86 -5.35
C TYR B 338 -18.15 -12.41 -4.85
N GLY B 339 -18.52 -13.64 -5.25
CA GLY B 339 -19.74 -14.22 -4.82
C GLY B 339 -19.62 -14.73 -3.41
N PRO B 340 -20.67 -15.37 -2.92
CA PRO B 340 -20.61 -16.03 -1.61
C PRO B 340 -20.09 -17.46 -1.72
N GLN B 341 -19.34 -17.84 -0.69
CA GLN B 341 -18.84 -19.22 -0.56
C GLN B 341 -18.28 -19.38 0.84
C1 GOL C . 8.59 19.72 11.94
O1 GOL C . 8.64 20.42 10.74
C2 GOL C . 7.98 18.32 11.64
O2 GOL C . 6.71 18.17 12.17
C3 GOL C . 7.99 18.18 10.07
O3 GOL C . 9.21 18.68 9.60
C1 GOL D . -7.79 -12.41 -17.05
O1 GOL D . -6.68 -12.08 -17.82
C2 GOL D . -8.75 -11.21 -17.11
O2 GOL D . -8.06 -10.07 -17.52
C3 GOL D . -9.85 -11.63 -18.12
O3 GOL D . -11.07 -11.14 -17.64
#